data_7V8K
#
_entry.id   7V8K
#
_cell.length_a   77.196
_cell.length_b   81.673
_cell.length_c   104.660
_cell.angle_alpha   90.000
_cell.angle_beta   102.940
_cell.angle_gamma   90.000
#
_symmetry.space_group_name_H-M   'P 1 21 1'
#
loop_
_entity.id
_entity.type
_entity.pdbx_description
1 polymer 'Prolyl-tRNA synthetase'
2 non-polymer PROLINE
3 non-polymer 1,2-ETHANEDIOL
4 non-polymer IMIDAZOLE
5 non-polymer 'CHLORIDE ION'
6 water water
#
_entity_poly.entity_id   1
_entity_poly.type   'polypeptide(L)'
_entity_poly.pdbx_seq_one_letter_code
;AMVTAKKDENFSEWYTQAIVRSEMIEYYDISGCYIMRPWAFHIWEKVQRFFDDEIKKMGVENSYFPMFVSRHKLEKEKDH
VEGFSPEVAWVTHYGDSPLPEKIAIRPTSETIMYPAYAKWIRSHRDLPLKLNQWCSVVRWEFKQPTPFLRTREFLWQEGH
TAHATEEEAWELVLDILELYRRWYEECLAVPVIKGEKSEGEKFAGGKKTTTVEAFIPENGRGIQAATSHLLGTNFAKMFE
IEFEDEEGHKRLVHQTSWGCTTRSLGVMIMTHGDDKGLVIPPRVASVQVVIIPILFKDENTGEILGKCRELKTMLEKADI
RVRIDDRSNYTPGWKYNHWEVKGVPLRLELGPKDLAKGTARVVRRDTGEAYQISWADLAPKLLELMEGIQRSLFEKAKAR
LHEGIEKISTFDEVMPALNRKHLVLAPWCEDPESEEQIKKETQKLSEIQAIEAGDSEQVMTGAMKTLCIPFDQPPMPEGT
KCFYTGKPAKRWTLWGRSY
;
_entity_poly.pdbx_strand_id   A,B
#
# COMPACT_ATOMS: atom_id res chain seq x y z
N MET A 2 -11.02 -22.78 18.66
CA MET A 2 -9.97 -23.74 19.04
C MET A 2 -9.54 -24.63 17.86
N VAL A 3 -8.24 -24.93 17.80
CA VAL A 3 -7.70 -25.87 16.82
C VAL A 3 -7.78 -27.29 17.39
N THR A 4 -8.20 -28.25 16.55
CA THR A 4 -8.27 -29.65 16.94
C THR A 4 -7.37 -30.58 16.15
N ALA A 5 -6.90 -30.18 14.98
CA ALA A 5 -5.95 -30.99 14.23
C ALA A 5 -4.56 -30.85 14.83
N LYS A 6 -3.84 -31.96 14.89
CA LYS A 6 -2.51 -31.95 15.47
C LYS A 6 -1.50 -31.63 14.38
N LYS A 7 -0.57 -30.77 14.69
CA LYS A 7 0.42 -30.36 13.73
C LYS A 7 1.34 -31.47 13.27
N ASP A 8 1.62 -32.42 14.12
CA ASP A 8 2.49 -33.51 13.79
C ASP A 8 1.79 -34.71 13.27
N GLU A 9 0.49 -34.65 13.05
CA GLU A 9 -0.28 -35.73 12.46
C GLU A 9 -0.73 -35.31 11.05
N ASN A 10 -1.82 -34.59 10.89
CA ASN A 10 -2.25 -34.10 9.58
C ASN A 10 -1.85 -32.64 9.45
N PHE A 11 -0.72 -32.38 8.84
CA PHE A 11 -0.12 -31.06 8.80
C PHE A 11 -0.95 -30.07 7.99
N SER A 12 -1.48 -30.50 6.84
CA SER A 12 -2.25 -29.57 6.01
C SER A 12 -3.60 -29.25 6.65
N GLU A 13 -4.25 -30.24 7.25
CA GLU A 13 -5.47 -29.94 8.00
C GLU A 13 -5.17 -29.01 9.16
N TRP A 14 -4.02 -29.19 9.80
CA TRP A 14 -3.65 -28.31 10.90
C TRP A 14 -3.50 -26.88 10.39
N TYR A 15 -2.86 -26.72 9.22
CA TYR A 15 -2.64 -25.40 8.66
C TYR A 15 -3.95 -24.72 8.30
N THR A 16 -4.81 -25.44 7.59
CA THR A 16 -6.13 -24.90 7.27
C THR A 16 -6.85 -24.42 8.54
N GLN A 17 -6.83 -25.24 9.60
CA GLN A 17 -7.58 -24.89 10.80
C GLN A 17 -6.95 -23.70 11.52
N ALA A 18 -5.62 -23.63 11.54
CA ALA A 18 -4.95 -22.53 12.22
C ALA A 18 -5.21 -21.20 11.53
N ILE A 19 -5.19 -21.16 10.20
CA ILE A 19 -5.41 -19.86 9.56
C ILE A 19 -6.88 -19.50 9.46
N VAL A 20 -7.81 -20.47 9.47
CA VAL A 20 -9.21 -20.09 9.46
C VAL A 20 -9.68 -19.70 10.85
N ARG A 21 -9.37 -20.52 11.86
CA ARG A 21 -9.89 -20.28 13.19
C ARG A 21 -9.22 -19.10 13.89
N SER A 22 -8.08 -18.65 13.41
CA SER A 22 -7.50 -17.42 13.94
C SER A 22 -7.98 -16.18 13.19
N GLU A 23 -8.86 -16.33 12.20
CA GLU A 23 -9.45 -15.22 11.44
C GLU A 23 -8.42 -14.51 10.55
N MET A 24 -7.45 -15.25 10.02
CA MET A 24 -6.49 -14.67 9.09
C MET A 24 -6.91 -14.76 7.64
N ILE A 25 -7.63 -15.81 7.26
CA ILE A 25 -7.95 -16.16 5.88
C ILE A 25 -9.43 -16.53 5.80
N GLU A 26 -10.09 -16.10 4.72
CA GLU A 26 -11.37 -16.62 4.31
C GLU A 26 -11.22 -17.22 2.91
N TYR A 27 -11.69 -18.46 2.74
CA TYR A 27 -11.53 -19.10 1.45
C TYR A 27 -12.51 -18.51 0.45
N TYR A 28 -12.20 -18.74 -0.83
CA TYR A 28 -12.81 -18.00 -1.93
C TYR A 28 -13.19 -19.00 -3.01
N ASP A 29 -14.15 -18.62 -3.87
CA ASP A 29 -14.62 -19.56 -4.88
C ASP A 29 -13.61 -19.79 -6.01
N ILE A 30 -12.72 -18.85 -6.26
CA ILE A 30 -11.71 -18.97 -7.31
C ILE A 30 -10.47 -19.63 -6.72
N SER A 31 -10.14 -20.83 -7.22
CA SER A 31 -9.05 -21.61 -6.65
C SER A 31 -7.73 -20.83 -6.65
N GLY A 32 -7.08 -20.79 -5.49
CA GLY A 32 -5.80 -20.13 -5.37
C GLY A 32 -5.86 -18.66 -5.00
N CYS A 33 -7.06 -18.10 -4.89
CA CYS A 33 -7.23 -16.76 -4.36
C CYS A 33 -7.91 -16.85 -2.99
N TYR A 34 -7.49 -16.00 -2.08
CA TYR A 34 -7.95 -16.06 -0.70
C TYR A 34 -8.22 -14.64 -0.24
N ILE A 35 -9.20 -14.49 0.64
CA ILE A 35 -9.37 -13.22 1.32
C ILE A 35 -8.38 -13.12 2.47
N MET A 36 -7.70 -11.99 2.56
CA MET A 36 -6.76 -11.74 3.66
C MET A 36 -7.46 -10.83 4.66
N ARG A 37 -7.84 -11.41 5.81
CA ARG A 37 -8.60 -10.71 6.83
C ARG A 37 -7.66 -9.86 7.68
N PRO A 38 -8.21 -8.90 8.40
CA PRO A 38 -7.37 -7.96 9.16
C PRO A 38 -6.27 -8.60 10.00
N TRP A 39 -6.54 -9.71 10.69
CA TRP A 39 -5.54 -10.25 11.60
C TRP A 39 -4.26 -10.59 10.87
N ALA A 40 -4.38 -11.09 9.64
CA ALA A 40 -3.19 -11.32 8.80
C ALA A 40 -2.60 -10.01 8.33
N PHE A 41 -3.48 -9.11 7.90
CA PHE A 41 -3.00 -7.87 7.29
C PHE A 41 -2.17 -7.06 8.28
N HIS A 42 -2.47 -7.13 9.58
CA HIS A 42 -1.65 -6.42 10.56
C HIS A 42 -0.19 -6.86 10.47
N ILE A 43 0.04 -8.18 10.37
CA ILE A 43 1.40 -8.67 10.30
C ILE A 43 2.07 -8.18 9.03
N TRP A 44 1.34 -8.26 7.92
CA TRP A 44 1.89 -7.74 6.69
C TRP A 44 2.26 -6.25 6.82
N GLU A 45 1.45 -5.48 7.54
CA GLU A 45 1.75 -4.06 7.67
C GLU A 45 3.01 -3.86 8.51
N LYS A 46 3.18 -4.64 9.57
CA LYS A 46 4.39 -4.55 10.37
C LYS A 46 5.64 -4.80 9.51
N VAL A 47 5.64 -5.89 8.73
CA VAL A 47 6.87 -6.19 8.01
C VAL A 47 7.05 -5.19 6.89
N GLN A 48 5.95 -4.72 6.29
CA GLN A 48 6.04 -3.72 5.24
C GLN A 48 6.64 -2.42 5.76
N ARG A 49 6.21 -1.97 6.94
CA ARG A 49 6.76 -0.76 7.53
C ARG A 49 8.25 -0.93 7.79
N PHE A 50 8.65 -2.09 8.32
CA PHE A 50 10.07 -2.30 8.58
C PHE A 50 10.89 -2.23 7.29
N PHE A 51 10.44 -2.93 6.25
CA PHE A 51 11.22 -3.00 5.04
C PHE A 51 11.19 -1.66 4.30
N ASP A 52 10.04 -0.97 4.34
CA ASP A 52 9.92 0.30 3.64
C ASP A 52 10.82 1.37 4.27
N ASP A 53 10.86 1.43 5.60
CA ASP A 53 11.79 2.36 6.26
C ASP A 53 13.23 2.03 5.88
N GLU A 54 13.59 0.75 5.91
CA GLU A 54 14.99 0.41 5.64
C GLU A 54 15.39 0.75 4.22
N ILE A 55 14.52 0.50 3.24
CA ILE A 55 14.93 0.83 1.88
C ILE A 55 14.87 2.34 1.63
N LYS A 56 14.05 3.08 2.38
CA LYS A 56 14.14 4.54 2.31
C LYS A 56 15.49 5.01 2.81
N LYS A 57 16.01 4.41 3.88
CA LYS A 57 17.35 4.77 4.32
C LYS A 57 18.39 4.54 3.22
N MET A 58 18.17 3.58 2.35
CA MET A 58 19.09 3.38 1.23
C MET A 58 18.81 4.31 0.05
N GLY A 59 17.80 5.18 0.12
CA GLY A 59 17.46 6.03 -1.00
C GLY A 59 16.55 5.44 -2.06
N VAL A 60 15.88 4.34 -1.78
CA VAL A 60 14.85 3.83 -2.69
C VAL A 60 13.58 4.63 -2.50
N GLU A 61 12.95 5.02 -3.60
CA GLU A 61 11.70 5.77 -3.57
C GLU A 61 10.56 4.91 -4.09
N ASN A 62 9.39 5.08 -3.49
CA ASN A 62 8.25 4.30 -3.93
C ASN A 62 7.61 4.95 -5.15
N SER A 63 6.89 4.13 -5.92
CA SER A 63 6.27 4.54 -7.16
C SER A 63 5.11 3.60 -7.43
N TYR A 64 4.37 3.86 -8.51
CA TYR A 64 3.35 2.91 -8.91
C TYR A 64 3.23 2.84 -10.43
N PHE A 65 3.43 1.65 -10.96
CA PHE A 65 3.33 1.37 -12.39
C PHE A 65 2.04 0.64 -12.70
N PRO A 66 1.59 0.67 -13.97
CA PRO A 66 0.31 0.04 -14.32
C PRO A 66 0.33 -1.46 -14.13
N MET A 67 -0.85 -2.01 -13.85
CA MET A 67 -1.01 -3.43 -13.66
C MET A 67 -1.20 -4.18 -14.96
N PHE A 68 -1.34 -3.49 -16.07
CA PHE A 68 -1.46 -4.14 -17.37
C PHE A 68 -0.18 -3.99 -18.17
N VAL A 69 0.07 -4.97 -19.01
CA VAL A 69 1.25 -5.00 -19.85
C VAL A 69 0.85 -5.50 -21.23
N SER A 70 1.41 -4.87 -22.26
CA SER A 70 1.10 -5.19 -23.64
C SER A 70 1.82 -6.45 -24.09
N ARG A 71 1.30 -7.06 -25.15
CA ARG A 71 1.86 -8.31 -25.65
C ARG A 71 3.28 -8.13 -26.16
N HIS A 72 3.58 -7.03 -26.78
CA HIS A 72 4.91 -6.80 -27.28
C HIS A 72 5.93 -6.57 -26.19
N LYS A 73 5.61 -5.73 -25.23
CA LYS A 73 6.58 -5.47 -24.17
C LYS A 73 6.87 -6.73 -23.36
N LEU A 74 5.87 -7.59 -23.18
CA LEU A 74 6.03 -8.80 -22.40
C LEU A 74 6.83 -9.86 -23.15
N GLU A 75 6.86 -9.80 -24.48
CA GLU A 75 7.57 -10.77 -25.30
C GLU A 75 8.71 -10.14 -26.11
N SER A 85 5.76 -16.65 -19.04
CA SER A 85 4.97 -16.87 -20.24
C SER A 85 3.72 -17.73 -19.97
N PRO A 86 3.86 -18.99 -19.52
CA PRO A 86 2.65 -19.80 -19.29
C PRO A 86 1.89 -19.44 -18.02
N GLU A 87 2.42 -18.54 -17.21
CA GLU A 87 1.79 -18.15 -15.95
C GLU A 87 0.97 -16.88 -16.07
N VAL A 88 0.93 -16.25 -17.24
CA VAL A 88 0.42 -14.89 -17.37
C VAL A 88 -1.09 -14.91 -17.67
N ALA A 89 -1.85 -14.13 -16.89
CA ALA A 89 -3.29 -14.02 -17.08
C ALA A 89 -3.57 -12.96 -18.15
N TRP A 90 -4.36 -13.33 -19.15
CA TRP A 90 -4.67 -12.45 -20.27
C TRP A 90 -6.11 -11.98 -20.18
N VAL A 91 -6.30 -10.67 -20.17
CA VAL A 91 -7.60 -10.08 -20.45
C VAL A 91 -7.84 -10.11 -21.96
N THR A 92 -8.85 -10.85 -22.40
CA THR A 92 -9.12 -10.95 -23.83
C THR A 92 -10.48 -10.40 -24.27
N HIS A 93 -11.41 -10.14 -23.35
CA HIS A 93 -12.74 -9.69 -23.75
C HIS A 93 -13.22 -8.61 -22.80
N TYR A 94 -14.08 -7.75 -23.32
CA TYR A 94 -14.84 -6.82 -22.49
C TYR A 94 -16.31 -7.03 -22.81
N GLY A 95 -17.06 -7.55 -21.85
CA GLY A 95 -18.39 -8.01 -22.17
C GLY A 95 -18.30 -9.18 -23.12
N ASP A 96 -19.13 -9.16 -24.15
CA ASP A 96 -19.10 -10.22 -25.14
C ASP A 96 -18.20 -9.89 -26.33
N SER A 97 -17.66 -8.68 -26.41
CA SER A 97 -16.80 -8.28 -27.52
C SER A 97 -15.32 -8.58 -27.21
N PRO A 98 -14.56 -9.14 -28.14
CA PRO A 98 -13.12 -9.32 -27.89
C PRO A 98 -12.37 -8.00 -27.95
N LEU A 99 -11.36 -7.87 -27.10
CA LEU A 99 -10.49 -6.71 -27.18
C LEU A 99 -9.74 -6.70 -28.51
N PRO A 100 -9.45 -5.53 -29.06
CA PRO A 100 -8.68 -5.48 -30.32
C PRO A 100 -7.32 -6.14 -30.20
N GLU A 101 -6.61 -5.84 -29.11
CA GLU A 101 -5.40 -6.54 -28.76
CA GLU A 101 -5.36 -6.49 -28.75
C GLU A 101 -5.47 -6.92 -27.30
N LYS A 102 -5.26 -8.21 -27.03
CA LYS A 102 -5.29 -8.71 -25.66
C LYS A 102 -4.15 -8.12 -24.84
N ILE A 103 -4.37 -7.98 -23.55
CA ILE A 103 -3.36 -7.43 -22.65
C ILE A 103 -3.27 -8.31 -21.42
N ALA A 104 -2.13 -8.26 -20.75
CA ALA A 104 -1.83 -9.15 -19.65
C ALA A 104 -1.85 -8.42 -18.32
N ILE A 105 -2.29 -9.12 -17.30
CA ILE A 105 -2.10 -8.67 -15.94
C ILE A 105 -0.66 -8.97 -15.55
N ARG A 106 -0.03 -8.05 -14.81
CA ARG A 106 1.41 -8.13 -14.56
C ARG A 106 1.75 -9.38 -13.76
N PRO A 107 2.71 -10.19 -14.21
CA PRO A 107 3.28 -11.23 -13.33
C PRO A 107 4.45 -10.71 -12.53
N THR A 108 5.01 -9.60 -12.98
CA THR A 108 6.21 -8.93 -12.48
C THR A 108 6.45 -7.77 -13.45
N SER A 109 7.19 -6.75 -13.00
CA SER A 109 7.12 -5.44 -13.65
C SER A 109 8.37 -5.06 -14.43
N GLU A 110 9.34 -5.95 -14.62
CA GLU A 110 10.53 -5.64 -15.42
C GLU A 110 10.15 -5.02 -16.75
N THR A 111 9.30 -5.70 -17.51
CA THR A 111 8.92 -5.24 -18.85
C THR A 111 7.95 -4.07 -18.82
N ILE A 112 7.43 -3.73 -17.64
CA ILE A 112 6.60 -2.54 -17.48
C ILE A 112 7.44 -1.31 -17.18
N MET A 113 8.42 -1.43 -16.28
CA MET A 113 9.23 -0.28 -15.85
C MET A 113 10.40 0.03 -16.78
N TYR A 114 11.02 -1.00 -17.37
CA TYR A 114 12.33 -0.78 -17.99
C TYR A 114 12.29 0.08 -19.26
N PRO A 115 11.22 0.12 -20.07
CA PRO A 115 11.20 1.13 -21.13
C PRO A 115 11.14 2.54 -20.58
N ALA A 116 10.45 2.73 -19.47
CA ALA A 116 10.52 4.02 -18.77
C ALA A 116 11.94 4.30 -18.29
N TYR A 117 12.64 3.28 -17.77
CA TYR A 117 14.04 3.48 -17.39
C TYR A 117 14.87 3.92 -18.59
N ALA A 118 14.66 3.27 -19.73
CA ALA A 118 15.37 3.65 -20.94
C ALA A 118 15.15 5.11 -21.28
N LYS A 119 13.92 5.60 -21.11
CA LYS A 119 13.68 7.02 -21.34
C LYS A 119 14.36 7.90 -20.27
N TRP A 120 14.34 7.48 -19.01
CA TRP A 120 14.73 8.37 -17.91
C TRP A 120 16.23 8.52 -17.75
N ILE A 121 17.02 7.60 -18.28
CA ILE A 121 18.44 7.54 -18.00
C ILE A 121 19.17 8.02 -19.26
N ARG A 122 19.97 9.06 -19.11
CA ARG A 122 20.83 9.59 -20.16
C ARG A 122 22.28 9.72 -19.72
N SER A 123 22.51 10.17 -18.50
CA SER A 123 23.84 10.47 -18.00
C SER A 123 24.17 9.61 -16.78
N HIS A 124 25.48 9.45 -16.52
CA HIS A 124 25.89 8.95 -15.20
C HIS A 124 25.32 9.81 -14.07
N ARG A 125 24.92 11.05 -14.36
CA ARG A 125 24.30 11.85 -13.33
C ARG A 125 22.92 11.32 -12.96
N ASP A 126 22.32 10.53 -13.79
CA ASP A 126 21.03 9.95 -13.51
C ASP A 126 21.08 8.69 -12.69
N LEU A 127 22.25 8.21 -12.39
CA LEU A 127 22.38 7.00 -11.65
C LEU A 127 22.96 7.20 -10.29
N PRO A 128 22.63 6.33 -9.37
CA PRO A 128 21.65 5.28 -9.49
C PRO A 128 20.20 5.68 -9.43
N LEU A 129 19.38 4.87 -10.06
CA LEU A 129 17.98 5.00 -10.06
C LEU A 129 17.52 3.85 -9.22
N LYS A 130 16.71 4.13 -8.24
CA LYS A 130 16.28 3.15 -7.25
C LYS A 130 14.78 3.32 -7.02
N LEU A 131 13.98 2.39 -7.50
CA LEU A 131 12.53 2.47 -7.36
C LEU A 131 12.00 1.21 -6.72
N ASN A 132 10.88 1.33 -6.03
CA ASN A 132 10.20 0.21 -5.41
C ASN A 132 8.69 0.41 -5.55
N GLN A 133 7.99 -0.72 -5.57
CA GLN A 133 6.54 -0.75 -5.73
C GLN A 133 5.93 -1.77 -4.76
N TRP A 134 4.99 -1.33 -3.93
CA TRP A 134 4.07 -2.22 -3.20
C TRP A 134 2.79 -2.45 -4.01
N CYS A 135 2.46 -3.70 -4.26
CA CYS A 135 1.41 -3.98 -5.23
C CYS A 135 1.05 -5.46 -5.15
N SER A 136 0.08 -5.89 -5.95
CA SER A 136 -0.22 -7.29 -6.14
C SER A 136 0.12 -7.68 -7.57
N VAL A 137 0.33 -8.99 -7.76
CA VAL A 137 0.66 -9.57 -9.05
C VAL A 137 -0.06 -10.91 -9.16
N VAL A 138 -0.12 -11.42 -10.38
CA VAL A 138 -0.85 -12.64 -10.70
C VAL A 138 0.06 -13.58 -11.48
N ARG A 139 0.14 -14.82 -11.03
CA ARG A 139 0.82 -15.90 -11.74
C ARG A 139 -0.05 -17.14 -11.64
N TRP A 140 -0.42 -17.73 -12.78
CA TRP A 140 -1.36 -18.86 -12.78
C TRP A 140 -0.67 -20.22 -12.93
N LYS A 143 0.55 -25.39 -10.09
CA LYS A 143 0.37 -26.57 -9.24
C LYS A 143 -0.95 -26.44 -8.45
N GLN A 144 -1.03 -27.10 -7.28
CA GLN A 144 -2.17 -26.89 -6.40
C GLN A 144 -1.83 -25.77 -5.42
N PRO A 145 -2.79 -24.91 -5.09
CA PRO A 145 -2.48 -23.71 -4.32
C PRO A 145 -2.52 -23.94 -2.82
N THR A 146 -1.80 -23.07 -2.11
CA THR A 146 -1.76 -23.04 -0.65
C THR A 146 -1.92 -21.60 -0.19
N PRO A 147 -2.74 -21.34 0.82
CA PRO A 147 -2.81 -19.97 1.35
C PRO A 147 -1.44 -19.48 1.78
N PHE A 148 -1.14 -18.22 1.42
CA PHE A 148 0.12 -17.53 1.67
C PHE A 148 1.28 -18.08 0.84
N LEU A 149 1.46 -19.40 0.85
CA LEU A 149 2.66 -19.97 0.23
C LEU A 149 2.58 -19.97 -1.29
N ARG A 150 1.50 -20.52 -1.86
CA ARG A 150 1.31 -20.55 -3.31
C ARG A 150 -0.12 -20.12 -3.60
N THR A 151 -0.27 -18.88 -3.92
CA THR A 151 -1.51 -18.30 -4.32
C THR A 151 -1.38 -17.73 -5.70
N ARG A 152 -2.48 -17.57 -6.39
CA ARG A 152 -2.48 -17.03 -7.73
C ARG A 152 -2.34 -15.54 -7.84
N GLU A 153 -2.88 -14.84 -6.90
CA GLU A 153 -2.69 -13.43 -6.80
C GLU A 153 -2.03 -13.22 -5.47
N PHE A 154 -0.97 -12.44 -5.39
CA PHE A 154 -0.37 -12.16 -4.11
C PHE A 154 0.14 -10.73 -4.00
N LEU A 155 0.32 -10.31 -2.75
CA LEU A 155 0.83 -8.99 -2.45
C LEU A 155 2.34 -9.11 -2.31
N TRP A 156 3.04 -8.10 -2.73
CA TRP A 156 4.47 -8.02 -2.71
C TRP A 156 5.04 -6.63 -2.82
N GLN A 157 6.31 -6.57 -2.70
CA GLN A 157 7.08 -5.43 -3.04
C GLN A 157 8.07 -5.89 -4.08
N GLU A 158 8.31 -5.04 -5.04
CA GLU A 158 9.33 -5.26 -6.05
C GLU A 158 10.26 -4.06 -6.21
N GLY A 159 11.54 -4.24 -6.05
CA GLY A 159 12.53 -3.22 -6.17
C GLY A 159 13.38 -3.38 -7.40
N HIS A 160 13.70 -2.27 -8.04
CA HIS A 160 14.34 -2.27 -9.35
C HIS A 160 15.34 -1.13 -9.34
N THR A 161 16.63 -1.46 -9.51
CA THR A 161 17.65 -0.42 -9.51
C THR A 161 18.54 -0.55 -10.74
N ALA A 162 19.12 0.60 -11.09
CA ALA A 162 20.08 0.73 -12.19
C ALA A 162 21.30 1.50 -11.70
N HIS A 163 22.49 0.96 -12.01
CA HIS A 163 23.76 1.49 -11.53
C HIS A 163 24.75 1.64 -12.69
N ALA A 164 25.76 2.48 -12.47
CA ALA A 164 26.77 2.70 -13.50
C ALA A 164 27.74 1.53 -13.61
N THR A 165 27.97 0.82 -12.54
CA THR A 165 28.87 -0.29 -12.52
C THR A 165 28.32 -1.52 -11.91
N GLU A 166 28.88 -2.63 -12.25
CA GLU A 166 28.45 -3.86 -11.74
C GLU A 166 28.67 -4.06 -10.28
N GLU A 167 29.77 -3.61 -9.79
CA GLU A 167 30.08 -3.70 -8.40
C GLU A 167 29.11 -2.98 -7.51
N GLU A 168 28.64 -1.83 -7.92
CA GLU A 168 27.61 -1.11 -7.17
C GLU A 168 26.29 -1.86 -7.15
N ALA A 169 25.87 -2.39 -8.29
CA ALA A 169 24.65 -3.19 -8.33
C ALA A 169 24.76 -4.40 -7.40
N TRP A 170 25.88 -5.11 -7.44
CA TRP A 170 26.01 -6.33 -6.65
C TRP A 170 25.99 -6.01 -5.17
N GLU A 171 26.66 -4.92 -4.78
CA GLU A 171 26.55 -4.45 -3.41
C GLU A 171 25.09 -4.22 -3.02
N LEU A 172 24.29 -3.69 -3.96
CA LEU A 172 22.90 -3.46 -3.61
C LEU A 172 22.14 -4.77 -3.50
N VAL A 173 22.42 -5.72 -4.40
CA VAL A 173 21.85 -7.07 -4.33
C VAL A 173 22.06 -7.63 -2.92
N LEU A 174 23.29 -7.51 -2.43
CA LEU A 174 23.63 -8.11 -1.14
C LEU A 174 23.03 -7.34 0.03
N ASP A 175 23.03 -6.00 -0.04
CA ASP A 175 22.34 -5.21 0.99
C ASP A 175 20.86 -5.60 1.08
N ILE A 176 20.18 -5.74 -0.06
CA ILE A 176 18.78 -6.13 -0.04
C ILE A 176 18.61 -7.52 0.58
N LEU A 177 19.44 -8.47 0.14
CA LEU A 177 19.37 -9.81 0.70
C LEU A 177 19.51 -9.79 2.22
N GLU A 178 20.43 -8.96 2.74
CA GLU A 178 20.56 -8.80 4.19
C GLU A 178 19.27 -8.26 4.80
N LEU A 179 18.64 -7.28 4.14
CA LEU A 179 17.34 -6.83 4.64
C LEU A 179 16.34 -7.99 4.70
N TYR A 180 16.35 -8.88 3.70
CA TYR A 180 15.38 -9.99 3.70
C TYR A 180 15.68 -10.97 4.82
N ARG A 181 16.97 -11.19 5.09
CA ARG A 181 17.35 -11.97 6.26
C ARG A 181 16.80 -11.33 7.53
N ARG A 182 16.82 -9.99 7.62
CA ARG A 182 16.30 -9.36 8.83
C ARG A 182 14.78 -9.48 8.90
N TRP A 183 14.12 -9.33 7.76
CA TRP A 183 12.68 -9.53 7.65
C TRP A 183 12.26 -10.88 8.21
N TYR A 184 12.94 -11.95 7.79
CA TYR A 184 12.54 -13.27 8.28
C TYR A 184 13.05 -13.50 9.72
N GLU A 185 14.32 -13.20 9.97
CA GLU A 185 14.98 -13.62 11.21
C GLU A 185 14.76 -12.65 12.38
N GLU A 186 14.72 -11.34 12.13
CA GLU A 186 14.53 -10.39 13.23
C GLU A 186 13.06 -10.06 13.45
N CYS A 187 12.24 -10.07 12.41
CA CYS A 187 10.82 -9.80 12.57
C CYS A 187 10.02 -11.08 12.81
N LEU A 188 10.06 -12.01 11.86
CA LEU A 188 9.26 -13.21 11.93
C LEU A 188 9.88 -14.31 12.77
N ALA A 189 11.13 -14.13 13.22
CA ALA A 189 11.88 -15.16 13.96
C ALA A 189 11.99 -16.47 13.21
N VAL A 190 12.15 -16.39 11.88
CA VAL A 190 12.27 -17.55 11.01
C VAL A 190 13.72 -17.62 10.52
N PRO A 191 14.50 -18.63 10.92
CA PRO A 191 15.86 -18.75 10.38
C PRO A 191 15.83 -19.07 8.89
N VAL A 192 16.75 -18.47 8.15
CA VAL A 192 16.89 -18.67 6.72
C VAL A 192 18.37 -18.86 6.39
N ILE A 193 18.62 -19.34 5.18
CA ILE A 193 19.96 -19.61 4.68
C ILE A 193 20.16 -18.77 3.43
N LYS A 194 21.24 -17.98 3.40
CA LYS A 194 21.57 -17.19 2.21
C LYS A 194 22.34 -18.05 1.20
N GLY A 195 21.96 -17.95 -0.07
CA GLY A 195 22.77 -18.60 -1.10
C GLY A 195 22.45 -18.08 -2.48
N GLU A 196 23.17 -18.64 -3.47
CA GLU A 196 22.84 -18.43 -4.88
C GLU A 196 21.98 -19.57 -5.38
N LYS A 197 21.04 -19.23 -6.24
CA LYS A 197 20.37 -20.23 -7.05
C LYS A 197 21.33 -20.80 -8.10
N SER A 198 21.14 -22.09 -8.40
CA SER A 198 21.82 -22.71 -9.52
C SER A 198 21.40 -22.04 -10.83
N GLU A 199 22.11 -22.38 -11.91
CA GLU A 199 21.87 -21.75 -13.21
C GLU A 199 20.49 -22.06 -13.77
N GLY A 200 19.88 -23.17 -13.36
CA GLY A 200 18.55 -23.52 -13.83
C GLY A 200 17.41 -23.10 -12.92
N GLU A 201 17.72 -22.54 -11.76
CA GLU A 201 16.71 -22.08 -10.82
C GLU A 201 16.69 -20.57 -10.67
N LYS A 202 17.54 -19.85 -11.41
CA LYS A 202 17.65 -18.42 -11.23
C LYS A 202 16.66 -17.67 -12.13
N PHE A 203 16.51 -16.37 -11.85
CA PHE A 203 15.63 -15.52 -12.66
C PHE A 203 15.97 -15.62 -14.13
N ALA A 204 14.94 -15.81 -14.95
CA ALA A 204 15.15 -15.92 -16.39
C ALA A 204 15.65 -14.60 -16.96
N GLY A 205 16.77 -14.63 -17.63
CA GLY A 205 17.35 -13.44 -18.16
C GLY A 205 18.34 -12.70 -17.30
N GLY A 206 18.42 -13.00 -16.03
CA GLY A 206 19.34 -12.34 -15.19
C GLY A 206 20.65 -13.03 -15.12
N LYS A 207 21.64 -12.30 -14.70
CA LYS A 207 22.96 -12.82 -14.48
C LYS A 207 23.17 -13.73 -13.27
N LYS A 208 22.71 -13.32 -12.13
CA LYS A 208 22.85 -14.09 -10.93
C LYS A 208 21.72 -13.89 -9.95
N THR A 209 21.28 -14.92 -9.30
CA THR A 209 20.21 -14.79 -8.36
C THR A 209 20.58 -15.23 -6.99
N THR A 210 20.39 -14.39 -6.00
CA THR A 210 20.58 -14.75 -4.61
C THR A 210 19.23 -14.92 -3.91
N THR A 211 19.26 -15.59 -2.76
CA THR A 211 18.02 -16.07 -2.17
C THR A 211 18.23 -16.33 -0.69
N VAL A 212 17.15 -16.19 0.08
CA VAL A 212 17.08 -16.76 1.41
C VAL A 212 16.13 -17.95 1.33
N GLU A 213 16.54 -19.08 1.90
CA GLU A 213 15.74 -20.30 1.91
C GLU A 213 15.31 -20.64 3.33
N ALA A 214 14.06 -21.10 3.47
CA ALA A 214 13.52 -21.59 4.74
C ALA A 214 13.16 -23.07 4.62
N PHE A 215 13.00 -23.71 5.78
CA PHE A 215 12.74 -25.14 5.88
C PHE A 215 11.44 -25.37 6.64
N ILE A 216 10.67 -26.35 6.20
CA ILE A 216 9.47 -26.75 6.95
C ILE A 216 9.61 -28.21 7.38
N PRO A 217 9.82 -28.45 8.67
CA PRO A 217 10.13 -29.81 9.13
C PRO A 217 9.01 -30.80 8.89
N GLU A 218 7.77 -30.41 9.20
CA GLU A 218 6.67 -31.38 9.21
C GLU A 218 6.51 -32.07 7.87
N ASN A 219 6.86 -31.40 6.77
CA ASN A 219 6.86 -32.08 5.48
C ASN A 219 8.26 -32.15 4.87
N GLY A 220 9.28 -31.80 5.64
CA GLY A 220 10.64 -31.76 5.13
C GLY A 220 10.90 -31.00 3.84
N ARG A 221 10.20 -29.89 3.60
CA ARG A 221 10.36 -29.20 2.31
C ARG A 221 11.03 -27.85 2.48
N GLY A 222 11.88 -27.49 1.50
CA GLY A 222 12.48 -26.18 1.45
C GLY A 222 11.56 -25.21 0.72
N ILE A 223 11.66 -23.93 1.04
CA ILE A 223 10.87 -22.93 0.36
C ILE A 223 11.70 -21.66 0.17
N GLN A 224 11.68 -21.14 -1.07
CA GLN A 224 12.30 -19.86 -1.38
C GLN A 224 11.54 -18.74 -0.67
N ALA A 225 12.20 -18.04 0.24
CA ALA A 225 11.51 -17.06 1.07
C ALA A 225 11.53 -15.65 0.47
N ALA A 226 12.56 -15.30 -0.31
CA ALA A 226 12.72 -14.02 -1.00
C ALA A 226 13.94 -14.11 -1.92
N THR A 227 13.99 -13.22 -2.90
CA THR A 227 15.09 -13.22 -3.85
C THR A 227 15.55 -11.82 -4.23
N SER A 228 16.84 -11.74 -4.51
CA SER A 228 17.53 -10.54 -4.93
C SER A 228 18.39 -10.92 -6.14
N HIS A 229 18.14 -10.28 -7.27
CA HIS A 229 18.75 -10.64 -8.54
C HIS A 229 19.74 -9.59 -9.00
N LEU A 230 20.93 -10.03 -9.39
CA LEU A 230 21.80 -9.24 -10.26
C LEU A 230 21.35 -9.49 -11.70
N LEU A 231 20.69 -8.50 -12.28
CA LEU A 231 20.32 -8.56 -13.68
C LEU A 231 21.49 -8.21 -14.59
N GLY A 232 22.48 -7.50 -14.05
CA GLY A 232 23.64 -7.19 -14.88
C GLY A 232 23.24 -6.26 -16.01
N THR A 233 23.72 -6.53 -17.21
CA THR A 233 23.39 -5.71 -18.37
C THR A 233 22.44 -6.41 -19.34
N ASN A 234 21.85 -7.57 -18.96
CA ASN A 234 21.06 -8.33 -19.92
C ASN A 234 19.77 -7.60 -20.30
N PHE A 235 19.03 -7.15 -19.30
CA PHE A 235 17.84 -6.35 -19.58
C PHE A 235 18.21 -4.98 -20.14
N ALA A 236 19.38 -4.44 -19.80
CA ALA A 236 19.77 -3.16 -20.36
C ALA A 236 19.96 -3.26 -21.86
N LYS A 237 20.52 -4.38 -22.35
CA LYS A 237 20.64 -4.43 -23.79
C LYS A 237 19.31 -4.77 -24.42
N MET A 238 18.46 -5.54 -23.76
CA MET A 238 17.20 -5.78 -24.45
C MET A 238 16.27 -4.56 -24.44
N PHE A 239 16.43 -3.66 -23.47
CA PHE A 239 15.60 -2.46 -23.44
C PHE A 239 16.38 -1.20 -23.78
N GLU A 240 17.65 -1.34 -24.17
CA GLU A 240 18.48 -0.20 -24.57
C GLU A 240 18.57 0.87 -23.48
N ILE A 241 18.95 0.45 -22.28
CA ILE A 241 19.10 1.36 -21.15
C ILE A 241 20.58 1.72 -21.10
N GLU A 242 20.92 2.89 -21.62
CA GLU A 242 22.30 3.32 -21.70
C GLU A 242 22.46 4.71 -21.10
N PHE A 243 23.67 4.97 -20.61
CA PHE A 243 24.01 6.27 -20.06
C PHE A 243 25.35 6.73 -20.62
N GLU A 244 25.54 8.01 -20.53
CA GLU A 244 26.77 8.58 -20.90
C GLU A 244 27.64 8.74 -19.69
N ASP A 245 28.84 8.25 -19.86
CA ASP A 245 29.94 8.17 -18.97
C ASP A 245 30.60 9.49 -18.69
N GLU A 246 31.42 9.55 -17.67
CA GLU A 246 32.16 10.74 -17.37
C GLU A 246 33.14 10.98 -18.48
N GLU A 247 33.69 9.92 -19.02
CA GLU A 247 34.54 9.95 -20.17
C GLU A 247 33.79 10.39 -21.39
N GLY A 248 32.53 10.03 -21.52
CA GLY A 248 31.77 10.40 -22.68
C GLY A 248 31.29 9.24 -23.52
N HIS A 249 31.51 8.05 -23.05
CA HIS A 249 31.06 6.91 -23.80
C HIS A 249 29.74 6.33 -23.33
N LYS A 250 29.01 5.70 -24.22
CA LYS A 250 27.79 5.09 -23.85
C LYS A 250 28.00 3.74 -23.30
N ARG A 251 27.32 3.48 -22.21
CA ARG A 251 27.45 2.24 -21.52
C ARG A 251 26.11 1.70 -21.14
N LEU A 252 26.02 0.41 -20.96
CA LEU A 252 24.83 -0.21 -20.43
C LEU A 252 24.80 -0.06 -18.91
N VAL A 253 23.60 0.16 -18.37
CA VAL A 253 23.46 0.17 -16.91
C VAL A 253 23.50 -1.25 -16.38
N HIS A 254 23.75 -1.36 -15.08
CA HIS A 254 23.78 -2.63 -14.37
C HIS A 254 22.59 -2.67 -13.43
N GLN A 255 21.77 -3.68 -13.55
CA GLN A 255 20.50 -3.62 -12.88
C GLN A 255 20.36 -4.73 -11.87
N THR A 256 19.49 -4.43 -10.90
CA THR A 256 19.03 -5.36 -9.89
C THR A 256 17.51 -5.33 -9.84
N SER A 257 16.98 -6.43 -9.32
CA SER A 257 15.57 -6.72 -9.15
C SER A 257 15.44 -7.51 -7.86
N TRP A 258 14.44 -7.20 -7.02
CA TRP A 258 14.31 -7.93 -5.76
C TRP A 258 12.87 -7.88 -5.26
N GLY A 259 12.41 -8.97 -4.67
CA GLY A 259 11.02 -9.03 -4.28
C GLY A 259 10.79 -9.91 -3.09
N CYS A 260 9.73 -9.59 -2.36
CA CYS A 260 9.35 -10.41 -1.21
C CYS A 260 7.83 -10.31 -1.09
N THR A 261 7.19 -11.43 -0.72
CA THR A 261 5.73 -11.59 -0.81
C THR A 261 5.13 -12.01 0.53
N THR A 262 3.81 -12.17 0.52
CA THR A 262 3.06 -12.61 1.69
C THR A 262 3.27 -14.08 2.01
N ARG A 263 3.97 -14.82 1.14
CA ARG A 263 4.51 -16.11 1.55
C ARG A 263 5.19 -16.02 2.92
N SER A 264 5.85 -14.90 3.23
CA SER A 264 6.54 -14.80 4.51
C SER A 264 5.59 -15.14 5.66
N LEU A 265 4.34 -14.68 5.57
CA LEU A 265 3.38 -14.95 6.65
C LEU A 265 3.16 -16.45 6.84
N GLY A 266 2.95 -17.17 5.74
CA GLY A 266 2.76 -18.60 5.84
C GLY A 266 3.95 -19.26 6.50
N VAL A 267 5.15 -18.82 6.12
CA VAL A 267 6.36 -19.42 6.66
C VAL A 267 6.40 -19.22 8.16
N MET A 268 5.93 -18.06 8.61
CA MET A 268 5.92 -17.77 10.04
C MET A 268 4.90 -18.65 10.76
N ILE A 269 3.70 -18.78 10.18
CA ILE A 269 2.67 -19.63 10.78
C ILE A 269 3.21 -21.05 10.96
N MET A 270 3.59 -21.66 9.83
CA MET A 270 4.15 -23.00 9.85
C MET A 270 5.29 -23.11 10.82
N THR A 271 6.08 -22.04 10.98
CA THR A 271 7.27 -22.19 11.81
C THR A 271 6.90 -22.20 13.28
N HIS A 272 5.99 -21.31 13.70
CA HIS A 272 5.77 -21.14 15.12
C HIS A 272 4.43 -21.68 15.61
N GLY A 273 3.50 -21.99 14.70
CA GLY A 273 2.21 -22.50 15.12
C GLY A 273 2.37 -23.79 15.91
N ASP A 274 1.39 -24.04 16.78
CA ASP A 274 1.38 -25.24 17.59
C ASP A 274 -0.05 -25.77 17.59
N ASP A 275 -0.32 -26.77 18.44
CA ASP A 275 -1.61 -27.44 18.44
C ASP A 275 -2.72 -26.53 18.93
N LYS A 276 -2.40 -25.42 19.57
CA LYS A 276 -3.45 -24.49 19.96
C LYS A 276 -3.67 -23.39 18.94
N GLY A 277 -2.80 -23.28 17.94
CA GLY A 277 -2.98 -22.32 16.87
C GLY A 277 -1.75 -21.46 16.64
N LEU A 278 -1.97 -20.21 16.24
CA LEU A 278 -0.87 -19.31 15.94
C LEU A 278 -0.05 -18.99 17.17
N VAL A 279 1.23 -18.70 16.94
CA VAL A 279 2.12 -18.05 17.90
C VAL A 279 2.80 -16.89 17.15
N ILE A 280 2.40 -15.68 17.48
CA ILE A 280 2.86 -14.50 16.74
C ILE A 280 4.07 -13.92 17.47
N PRO A 281 5.23 -13.84 16.82
CA PRO A 281 6.40 -13.18 17.43
C PRO A 281 6.08 -11.74 17.82
N PRO A 282 6.49 -11.33 19.02
CA PRO A 282 6.13 -9.99 19.52
C PRO A 282 6.51 -8.84 18.60
N ARG A 283 7.58 -8.96 17.83
CA ARG A 283 7.97 -7.84 16.98
C ARG A 283 6.96 -7.55 15.88
N VAL A 284 6.11 -8.51 15.51
CA VAL A 284 5.11 -8.26 14.49
C VAL A 284 3.69 -8.42 15.04
N ALA A 285 3.54 -8.63 16.34
CA ALA A 285 2.22 -8.70 16.98
C ALA A 285 1.58 -7.31 17.05
N SER A 286 0.46 -7.12 16.34
CA SER A 286 -0.29 -5.88 16.46
C SER A 286 -0.76 -5.67 17.90
N VAL A 287 -1.18 -6.75 18.55
CA VAL A 287 -1.44 -6.79 19.98
C VAL A 287 -0.33 -7.61 20.64
N GLN A 288 0.48 -6.98 21.48
CA GLN A 288 1.50 -7.75 22.18
C GLN A 288 0.97 -8.33 23.47
N VAL A 289 0.25 -7.51 24.23
CA VAL A 289 -0.34 -7.88 25.50
C VAL A 289 -1.84 -7.64 25.40
N VAL A 290 -2.64 -8.66 25.68
CA VAL A 290 -4.07 -8.51 25.79
C VAL A 290 -4.41 -8.55 27.27
N ILE A 291 -5.09 -7.51 27.75
CA ILE A 291 -5.49 -7.42 29.15
C ILE A 291 -6.93 -7.91 29.25
N ILE A 292 -7.14 -8.93 30.07
CA ILE A 292 -8.46 -9.56 30.21
C ILE A 292 -8.98 -9.33 31.61
N PRO A 293 -10.01 -8.51 31.78
CA PRO A 293 -10.59 -8.31 33.12
C PRO A 293 -11.53 -9.46 33.45
N ILE A 294 -11.42 -9.95 34.68
CA ILE A 294 -12.20 -11.10 35.15
C ILE A 294 -13.38 -10.53 35.92
N LEU A 295 -14.54 -10.50 35.28
CA LEU A 295 -15.79 -10.03 35.90
C LEU A 295 -16.70 -11.23 36.16
N PHE A 296 -16.99 -11.49 37.43
CA PHE A 296 -17.91 -12.54 37.82
C PHE A 296 -18.72 -12.00 38.99
N LYS A 297 -20.06 -12.14 38.90
CA LYS A 297 -21.01 -11.42 39.75
C LYS A 297 -20.63 -9.95 39.73
N ASP A 298 -21.04 -9.13 40.70
CA ASP A 298 -20.55 -7.75 40.57
C ASP A 298 -19.41 -7.51 41.54
N GLU A 299 -18.35 -8.32 41.42
CA GLU A 299 -17.24 -8.31 42.37
C GLU A 299 -16.25 -7.21 41.97
N ASN A 300 -16.52 -5.99 42.46
CA ASN A 300 -15.63 -4.84 42.27
C ASN A 300 -15.43 -4.53 40.78
N THR A 301 -16.54 -4.50 40.05
CA THR A 301 -16.49 -4.43 38.59
C THR A 301 -15.77 -3.17 38.10
N GLY A 302 -16.13 -2.00 38.64
CA GLY A 302 -15.56 -0.75 38.14
C GLY A 302 -14.10 -0.57 38.46
N GLU A 303 -13.68 -0.99 39.66
CA GLU A 303 -12.27 -0.88 40.04
C GLU A 303 -11.38 -1.73 39.14
N ILE A 304 -11.84 -2.92 38.77
CA ILE A 304 -11.10 -3.78 37.86
C ILE A 304 -10.90 -3.07 36.51
N LEU A 305 -11.97 -2.54 35.95
CA LEU A 305 -11.86 -1.90 34.65
C LEU A 305 -10.94 -0.70 34.71
N GLY A 306 -11.06 0.09 35.79
CA GLY A 306 -10.21 1.27 35.94
C GLY A 306 -8.74 0.91 36.08
N LYS A 307 -8.44 -0.12 36.87
CA LYS A 307 -7.05 -0.53 37.02
C LYS A 307 -6.48 -1.08 35.72
N CYS A 308 -7.32 -1.76 34.92
CA CYS A 308 -6.88 -2.20 33.59
C CYS A 308 -6.50 -1.03 32.70
N ARG A 309 -7.33 0.03 32.67
CA ARG A 309 -6.99 1.21 31.87
C ARG A 309 -5.70 1.85 32.37
N GLU A 310 -5.52 1.92 33.69
CA GLU A 310 -4.25 2.42 34.22
C GLU A 310 -3.07 1.58 33.71
N LEU A 311 -3.20 0.26 33.76
CA LEU A 311 -2.09 -0.60 33.34
C LEU A 311 -1.80 -0.43 31.86
N LYS A 312 -2.84 -0.26 31.06
CA LYS A 312 -2.65 -0.01 29.63
C LYS A 312 -1.88 1.28 29.41
N THR A 313 -2.27 2.37 30.09
CA THR A 313 -1.52 3.61 29.98
C THR A 313 -0.06 3.41 30.37
N MET A 314 0.16 2.77 31.51
CA MET A 314 1.53 2.55 31.98
C MET A 314 2.37 1.76 30.97
N LEU A 315 1.77 0.73 30.36
CA LEU A 315 2.51 -0.12 29.42
C LEU A 315 2.71 0.57 28.08
N GLU A 316 1.74 1.38 27.67
CA GLU A 316 1.93 2.11 26.43
C GLU A 316 3.03 3.16 26.57
N LYS A 317 3.29 3.64 27.80
CA LYS A 317 4.41 4.55 27.99
C LYS A 317 5.77 3.89 27.74
N ALA A 318 5.85 2.56 27.69
CA ALA A 318 7.05 1.85 27.27
C ALA A 318 6.93 1.30 25.85
N ASP A 319 5.95 1.79 25.09
CA ASP A 319 5.76 1.41 23.68
C ASP A 319 5.33 -0.04 23.53
N ILE A 320 4.62 -0.55 24.51
CA ILE A 320 4.02 -1.88 24.41
C ILE A 320 2.63 -1.73 23.81
N ARG A 321 2.29 -2.63 22.88
CA ARG A 321 1.00 -2.55 22.18
C ARG A 321 0.00 -3.43 22.92
N VAL A 322 -0.98 -2.77 23.55
CA VAL A 322 -1.87 -3.39 24.52
C VAL A 322 -3.30 -3.16 24.07
N ARG A 323 -4.10 -4.23 24.05
CA ARG A 323 -5.55 -4.12 23.98
C ARG A 323 -6.18 -4.62 25.27
N ILE A 324 -7.19 -3.92 25.76
CA ILE A 324 -8.07 -4.41 26.81
C ILE A 324 -9.26 -5.05 26.14
N ASP A 325 -9.46 -6.35 26.37
CA ASP A 325 -10.68 -7.02 25.91
C ASP A 325 -11.69 -6.96 27.04
N ASP A 326 -12.37 -5.82 27.12
CA ASP A 326 -13.42 -5.64 28.12
C ASP A 326 -14.80 -5.82 27.52
N ARG A 327 -14.90 -6.48 26.37
CA ARG A 327 -16.20 -6.74 25.75
C ARG A 327 -17.10 -7.52 26.74
N SER A 328 -18.34 -7.06 26.88
CA SER A 328 -19.25 -7.66 27.86
C SER A 328 -19.74 -9.02 27.39
N ASN A 329 -19.96 -9.16 26.08
CA ASN A 329 -20.74 -10.24 25.48
C ASN A 329 -19.94 -11.52 25.34
N TYR A 330 -18.81 -11.59 26.00
CA TYR A 330 -18.01 -12.79 25.96
C TYR A 330 -17.47 -13.09 27.33
N THR A 331 -17.36 -14.37 27.58
CA THR A 331 -16.83 -14.92 28.80
C THR A 331 -15.30 -14.75 28.85
N PRO A 332 -14.73 -14.67 30.05
CA PRO A 332 -13.26 -14.63 30.15
C PRO A 332 -12.58 -15.84 29.52
N GLY A 333 -13.03 -17.06 29.86
CA GLY A 333 -12.48 -18.25 29.23
C GLY A 333 -12.59 -18.24 27.72
N TRP A 334 -13.70 -17.74 27.21
CA TRP A 334 -13.80 -17.51 25.77
C TRP A 334 -12.70 -16.57 25.29
N LYS A 335 -12.40 -15.53 26.07
CA LYS A 335 -11.37 -14.58 25.66
C LYS A 335 -9.98 -15.22 25.68
N TYR A 336 -9.72 -16.08 26.68
CA TYR A 336 -8.46 -16.83 26.72
C TYR A 336 -8.29 -17.66 25.46
N ASN A 337 -9.30 -18.46 25.15
CA ASN A 337 -9.22 -19.28 23.94
C ASN A 337 -9.04 -18.42 22.71
N HIS A 338 -9.79 -17.30 22.62
CA HIS A 338 -9.76 -16.46 21.43
C HIS A 338 -8.35 -15.90 21.19
N TRP A 339 -7.78 -15.24 22.21
CA TRP A 339 -6.47 -14.66 21.99
C TRP A 339 -5.38 -15.72 21.89
N GLU A 340 -5.62 -16.92 22.41
CA GLU A 340 -4.62 -17.96 22.25
C GLU A 340 -4.63 -18.50 20.82
N VAL A 341 -5.81 -18.79 20.28
CA VAL A 341 -5.96 -19.13 18.87
C VAL A 341 -5.27 -18.08 18.00
N LYS A 342 -5.53 -16.84 18.29
CA LYS A 342 -4.96 -15.77 17.54
C LYS A 342 -3.48 -15.58 17.66
N GLY A 343 -2.88 -16.14 18.66
CA GLY A 343 -1.43 -16.10 18.80
C GLY A 343 -0.84 -14.90 19.52
N VAL A 344 -1.63 -14.17 20.29
CA VAL A 344 -1.11 -13.01 21.03
C VAL A 344 -0.04 -13.47 22.01
N PRO A 345 1.16 -12.87 22.01
CA PRO A 345 2.26 -13.46 22.80
C PRO A 345 2.04 -13.46 24.30
N LEU A 346 1.31 -12.49 24.85
CA LEU A 346 1.20 -12.38 26.31
C LEU A 346 -0.23 -12.05 26.71
N ARG A 347 -0.73 -12.75 27.70
CA ARG A 347 -2.07 -12.51 28.22
C ARG A 347 -1.93 -12.06 29.67
N LEU A 348 -2.55 -10.93 30.00
CA LEU A 348 -2.56 -10.39 31.37
C LEU A 348 -3.97 -10.52 31.92
N GLU A 349 -4.11 -11.21 33.05
CA GLU A 349 -5.39 -11.41 33.71
C GLU A 349 -5.42 -10.65 35.03
N LEU A 350 -6.55 -10.00 35.27
CA LEU A 350 -6.73 -9.13 36.42
C LEU A 350 -8.11 -9.40 37.00
N GLY A 351 -8.16 -9.92 38.23
CA GLY A 351 -9.41 -10.18 38.89
C GLY A 351 -9.47 -9.51 40.24
N PRO A 352 -10.55 -9.74 41.00
CA PRO A 352 -10.62 -9.12 42.34
C PRO A 352 -9.49 -9.58 43.25
N LYS A 353 -9.15 -10.87 43.17
CA LYS A 353 -7.98 -11.36 43.89
C LYS A 353 -6.71 -10.62 43.48
N ASP A 354 -6.55 -10.38 42.17
CA ASP A 354 -5.36 -9.69 41.67
C ASP A 354 -5.34 -8.23 42.07
N LEU A 355 -6.50 -7.57 42.03
CA LEU A 355 -6.54 -6.20 42.54
C LEU A 355 -6.11 -6.16 43.99
N ALA A 356 -6.50 -7.17 44.76
CA ALA A 356 -6.20 -7.16 46.19
C ALA A 356 -4.70 -7.19 46.45
N LYS A 357 -3.95 -7.93 45.64
CA LYS A 357 -2.53 -8.11 45.90
C LYS A 357 -1.65 -7.05 45.27
N GLY A 358 -2.20 -6.20 44.39
CA GLY A 358 -1.36 -5.25 43.68
C GLY A 358 -0.52 -5.86 42.58
N THR A 359 -0.86 -7.07 42.17
CA THR A 359 -0.16 -7.81 41.12
C THR A 359 -1.12 -8.08 39.97
N ALA A 360 -0.60 -8.79 38.95
CA ALA A 360 -1.37 -9.27 37.82
C ALA A 360 -0.78 -10.58 37.34
N ARG A 361 -1.62 -11.44 36.77
CA ARG A 361 -1.13 -12.75 36.34
C ARG A 361 -0.89 -12.72 34.83
N VAL A 362 0.28 -13.20 34.39
CA VAL A 362 0.68 -13.06 32.99
C VAL A 362 1.11 -14.41 32.44
N VAL A 363 0.59 -14.75 31.27
CA VAL A 363 0.81 -16.06 30.65
C VAL A 363 1.42 -15.86 29.27
N ARG A 364 2.55 -16.54 29.02
CA ARG A 364 3.22 -16.51 27.72
C ARG A 364 2.56 -17.50 26.76
N ARG A 365 2.32 -17.04 25.55
CA ARG A 365 1.67 -17.88 24.56
C ARG A 365 2.57 -19.04 24.12
N ASP A 366 3.89 -18.79 23.98
CA ASP A 366 4.78 -19.79 23.40
C ASP A 366 4.93 -21.03 24.28
N THR A 367 4.92 -20.86 25.61
CA THR A 367 5.17 -21.97 26.51
C THR A 367 4.11 -22.18 27.58
N GLY A 368 3.22 -21.22 27.81
CA GLY A 368 2.20 -21.38 28.84
C GLY A 368 2.64 -21.03 30.25
N GLU A 369 3.90 -20.61 30.44
CA GLU A 369 4.38 -20.28 31.77
C GLU A 369 3.64 -19.06 32.31
N ALA A 370 3.19 -19.15 33.56
CA ALA A 370 2.53 -18.06 34.24
C ALA A 370 3.46 -17.36 35.21
N TYR A 371 3.25 -16.06 35.39
CA TYR A 371 4.01 -15.22 36.30
C TYR A 371 3.06 -14.33 37.09
N GLN A 372 3.30 -14.17 38.38
CA GLN A 372 2.64 -13.12 39.15
C GLN A 372 3.59 -11.93 39.24
N ILE A 373 3.20 -10.80 38.66
CA ILE A 373 4.06 -9.62 38.58
C ILE A 373 3.38 -8.46 39.27
N SER A 374 4.11 -7.80 40.17
CA SER A 374 3.58 -6.61 40.81
C SER A 374 3.46 -5.48 39.78
N TRP A 375 2.56 -4.54 40.08
CA TRP A 375 2.19 -3.53 39.07
C TRP A 375 3.35 -2.62 38.73
N ALA A 376 4.12 -2.20 39.73
CA ALA A 376 5.25 -1.33 39.45
C ALA A 376 6.26 -2.01 38.53
N ASP A 377 6.37 -3.32 38.61
CA ASP A 377 7.37 -4.05 37.86
C ASP A 377 6.89 -4.51 36.49
N LEU A 378 5.66 -4.16 36.12
CA LEU A 378 5.04 -4.73 34.94
C LEU A 378 5.80 -4.39 33.67
N ALA A 379 6.11 -3.10 33.45
CA ALA A 379 6.67 -2.69 32.17
C ALA A 379 8.04 -3.29 31.89
N PRO A 380 9.04 -3.17 32.77
CA PRO A 380 10.34 -3.79 32.46
C PRO A 380 10.26 -5.30 32.34
N LYS A 381 9.44 -5.93 33.18
CA LYS A 381 9.32 -7.39 33.18
C LYS A 381 8.65 -7.89 31.90
N LEU A 382 7.64 -7.18 31.42
CA LEU A 382 7.00 -7.59 30.17
C LEU A 382 7.90 -7.34 28.98
N LEU A 383 8.70 -6.27 29.02
CA LEU A 383 9.67 -6.08 27.94
C LEU A 383 10.67 -7.24 27.92
N GLU A 384 11.12 -7.67 29.09
CA GLU A 384 12.03 -8.79 29.15
C GLU A 384 11.37 -10.06 28.62
N LEU A 385 10.13 -10.34 29.05
CA LEU A 385 9.42 -11.53 28.57
C LEU A 385 9.26 -11.50 27.05
N MET A 386 8.91 -10.34 26.49
CA MET A 386 8.71 -10.29 25.05
C MET A 386 10.02 -10.54 24.30
N GLU A 387 11.13 -9.97 24.79
CA GLU A 387 12.39 -10.28 24.14
C GLU A 387 12.76 -11.75 24.30
N GLY A 388 12.46 -12.33 25.47
CA GLY A 388 12.69 -13.76 25.66
C GLY A 388 11.89 -14.62 24.71
N ILE A 389 10.62 -14.29 24.50
CA ILE A 389 9.78 -15.07 23.61
C ILE A 389 10.29 -14.97 22.19
N GLN A 390 10.59 -13.76 21.74
CA GLN A 390 11.09 -13.59 20.38
C GLN A 390 12.34 -14.43 20.17
N ARG A 391 13.29 -14.31 21.11
CA ARG A 391 14.55 -15.02 20.98
C ARG A 391 14.33 -16.52 21.04
N SER A 392 13.37 -16.97 21.84
CA SER A 392 13.20 -18.41 22.03
C SER A 392 12.51 -19.02 20.82
N LEU A 393 11.54 -18.30 20.23
CA LEU A 393 10.94 -18.77 19.00
C LEU A 393 12.02 -18.98 17.97
N PHE A 394 12.90 -17.98 17.84
CA PHE A 394 13.97 -18.07 16.84
C PHE A 394 14.90 -19.26 17.12
N GLU A 395 15.33 -19.42 18.37
CA GLU A 395 16.35 -20.44 18.66
C GLU A 395 15.80 -21.84 18.48
N LYS A 396 14.55 -22.06 18.89
CA LYS A 396 13.94 -23.37 18.67
C LYS A 396 13.81 -23.68 17.18
N ALA A 397 13.31 -22.69 16.40
CA ALA A 397 13.24 -22.89 14.95
C ALA A 397 14.62 -23.15 14.34
N LYS A 398 15.64 -22.41 14.77
CA LYS A 398 16.99 -22.61 14.25
C LYS A 398 17.52 -23.99 14.58
N ALA A 399 17.20 -24.52 15.77
CA ALA A 399 17.59 -25.88 16.10
C ALA A 399 16.90 -26.90 15.21
N ARG A 400 15.60 -26.69 14.96
CA ARG A 400 14.92 -27.59 14.04
C ARG A 400 15.58 -27.56 12.66
N LEU A 401 16.00 -26.37 12.22
CA LEU A 401 16.68 -26.26 10.94
C LEU A 401 18.02 -27.00 10.96
N HIS A 402 18.81 -26.77 12.00
CA HIS A 402 20.10 -27.44 12.10
C HIS A 402 19.93 -28.95 12.06
N GLU A 403 18.90 -29.48 12.73
CA GLU A 403 18.75 -30.92 12.66
C GLU A 403 18.04 -31.38 11.40
N GLY A 404 17.54 -30.46 10.58
CA GLY A 404 16.91 -30.88 9.35
C GLY A 404 17.83 -31.05 8.16
N ILE A 405 19.13 -30.80 8.30
CA ILE A 405 20.06 -30.82 7.17
C ILE A 405 21.09 -31.94 7.37
N GLU A 406 21.11 -32.90 6.45
CA GLU A 406 22.11 -33.95 6.43
C GLU A 406 23.21 -33.63 5.42
N LYS A 407 24.45 -33.64 5.86
CA LYS A 407 25.60 -33.49 4.99
C LYS A 407 26.01 -34.89 4.50
N ILE A 408 26.07 -35.08 3.19
CA ILE A 408 26.29 -36.39 2.58
C ILE A 408 27.42 -36.27 1.57
N SER A 409 27.85 -37.42 1.05
CA SER A 409 28.92 -37.45 0.06
C SER A 409 28.59 -38.26 -1.20
N THR A 410 27.68 -39.21 -1.15
CA THR A 410 27.39 -40.02 -2.33
C THR A 410 25.89 -40.05 -2.53
N PHE A 411 25.46 -40.45 -3.72
CA PHE A 411 24.04 -40.46 -4.03
C PHE A 411 23.27 -41.48 -3.19
N ASP A 412 23.92 -42.58 -2.80
CA ASP A 412 23.24 -43.62 -2.03
C ASP A 412 22.60 -43.05 -0.77
N GLU A 413 23.21 -42.04 -0.16
CA GLU A 413 22.68 -41.47 1.08
C GLU A 413 21.45 -40.58 0.87
N VAL A 414 21.00 -40.36 -0.36
CA VAL A 414 20.02 -39.32 -0.61
C VAL A 414 18.63 -39.76 -0.18
N MET A 415 18.16 -40.89 -0.73
CA MET A 415 16.80 -41.35 -0.43
C MET A 415 16.56 -41.58 1.06
N PRO A 416 17.48 -42.18 1.83
CA PRO A 416 17.25 -42.22 3.29
C PRO A 416 17.02 -40.85 3.89
N ALA A 417 17.93 -39.91 3.60
CA ALA A 417 17.81 -38.56 4.14
C ALA A 417 16.48 -37.91 3.77
N LEU A 418 16.08 -38.01 2.50
CA LEU A 418 14.81 -37.42 2.11
C LEU A 418 13.63 -38.05 2.84
N ASN A 419 13.73 -39.34 3.19
CA ASN A 419 12.60 -40.03 3.79
C ASN A 419 12.49 -39.73 5.28
N ARG A 420 13.59 -39.31 5.91
CA ARG A 420 13.57 -38.69 7.23
C ARG A 420 13.06 -37.26 7.20
N LYS A 421 12.55 -36.79 6.05
CA LYS A 421 12.10 -35.42 5.85
C LYS A 421 13.22 -34.41 6.09
N HIS A 422 14.38 -34.69 5.53
CA HIS A 422 15.52 -33.81 5.73
C HIS A 422 15.96 -33.19 4.42
N LEU A 423 16.70 -32.09 4.54
CA LEU A 423 17.47 -31.54 3.43
C LEU A 423 18.82 -32.24 3.36
N VAL A 424 19.44 -32.20 2.18
CA VAL A 424 20.80 -32.72 2.01
C VAL A 424 21.73 -31.58 1.60
N LEU A 425 22.93 -31.58 2.17
CA LEU A 425 24.03 -30.71 1.73
C LEU A 425 25.12 -31.59 1.14
N ALA A 426 25.38 -31.42 -0.15
CA ALA A 426 26.24 -32.36 -0.85
C ALA A 426 27.21 -31.65 -1.79
N PRO A 427 28.38 -32.23 -2.01
CA PRO A 427 29.33 -31.62 -2.96
C PRO A 427 28.82 -31.82 -4.38
N TRP A 428 28.79 -30.73 -5.15
CA TRP A 428 28.21 -30.77 -6.47
C TRP A 428 29.11 -30.08 -7.48
N CYS A 429 29.11 -30.62 -8.70
CA CYS A 429 29.89 -30.06 -9.79
C CYS A 429 29.18 -28.91 -10.49
N GLU A 430 27.91 -28.64 -10.16
CA GLU A 430 27.16 -27.47 -10.66
C GLU A 430 26.90 -27.53 -12.15
N ASP A 431 27.03 -28.70 -12.78
CA ASP A 431 26.59 -28.85 -14.15
C ASP A 431 25.06 -28.77 -14.22
N PRO A 432 24.50 -28.01 -15.17
CA PRO A 432 23.02 -27.86 -15.17
C PRO A 432 22.28 -29.12 -15.57
N GLU A 433 22.78 -29.90 -16.53
CA GLU A 433 22.06 -31.11 -16.91
C GLU A 433 21.97 -32.10 -15.75
N SER A 434 22.97 -32.10 -14.87
CA SER A 434 22.93 -33.00 -13.71
C SER A 434 21.78 -32.64 -12.76
N GLU A 435 21.37 -31.37 -12.70
CA GLU A 435 20.21 -31.07 -11.86
C GLU A 435 18.93 -31.72 -12.40
N GLU A 436 18.74 -31.67 -13.72
CA GLU A 436 17.58 -32.33 -14.33
C GLU A 436 17.63 -33.83 -14.11
N GLN A 437 18.79 -34.44 -14.36
CA GLN A 437 18.93 -35.87 -14.10
C GLN A 437 18.56 -36.20 -12.66
N ILE A 438 19.02 -35.38 -11.71
CA ILE A 438 18.77 -35.69 -10.31
C ILE A 438 17.29 -35.53 -9.98
N LYS A 439 16.65 -34.48 -10.50
CA LYS A 439 15.22 -34.32 -10.26
C LYS A 439 14.46 -35.55 -10.72
N LYS A 440 14.75 -36.02 -11.93
CA LYS A 440 13.99 -37.14 -12.46
C LYS A 440 14.31 -38.43 -11.74
N GLU A 441 15.58 -38.65 -11.43
CA GLU A 441 15.95 -39.86 -10.72
C GLU A 441 15.30 -39.91 -9.34
N THR A 442 15.29 -38.79 -8.61
CA THR A 442 14.71 -38.80 -7.27
C THR A 442 13.19 -38.91 -7.31
N GLN A 443 12.54 -38.29 -8.31
CA GLN A 443 11.11 -38.53 -8.51
C GLN A 443 10.84 -40.04 -8.66
N LYS A 444 11.55 -40.67 -9.60
CA LYS A 444 11.32 -42.10 -9.84
C LYS A 444 11.55 -42.91 -8.56
N LEU A 445 12.65 -42.65 -7.85
CA LEU A 445 12.96 -43.44 -6.66
C LEU A 445 11.93 -43.22 -5.56
N SER A 446 11.35 -42.03 -5.48
CA SER A 446 10.38 -41.75 -4.42
C SER A 446 9.05 -42.44 -4.69
N GLU A 447 8.71 -42.64 -5.97
CA GLU A 447 7.56 -43.48 -6.28
C GLU A 447 7.63 -44.85 -5.59
N ILE A 448 8.80 -45.49 -5.63
CA ILE A 448 8.99 -46.78 -4.94
C ILE A 448 9.57 -46.58 -3.54
N THR A 461 4.68 -33.78 -5.38
CA THR A 461 5.91 -34.10 -6.09
C THR A 461 7.03 -34.60 -5.16
N GLY A 462 7.60 -35.76 -5.49
CA GLY A 462 8.69 -36.31 -4.72
C GLY A 462 10.08 -35.89 -5.14
N ALA A 463 10.22 -35.02 -6.14
CA ALA A 463 11.53 -34.70 -6.68
C ALA A 463 12.35 -33.84 -5.73
N MET A 464 13.65 -34.05 -5.77
CA MET A 464 14.63 -33.20 -5.10
C MET A 464 15.23 -32.26 -6.14
N LYS A 465 15.33 -30.99 -5.79
CA LYS A 465 16.00 -30.00 -6.61
C LYS A 465 16.95 -29.19 -5.74
N THR A 466 17.80 -28.37 -6.38
CA THR A 466 18.65 -27.48 -5.59
C THR A 466 17.78 -26.39 -4.96
N LEU A 467 17.95 -26.20 -3.65
CA LEU A 467 17.42 -24.99 -3.02
C LEU A 467 18.39 -23.84 -3.13
N CYS A 468 19.67 -24.07 -2.83
CA CYS A 468 20.63 -22.97 -3.05
C CYS A 468 22.04 -23.46 -2.83
N ILE A 469 22.98 -22.72 -3.42
CA ILE A 469 24.39 -22.83 -3.09
C ILE A 469 24.68 -21.85 -1.97
N PRO A 470 24.90 -22.31 -0.74
CA PRO A 470 24.98 -21.38 0.40
C PRO A 470 26.21 -20.50 0.34
N PHE A 471 26.04 -19.25 0.79
CA PHE A 471 27.17 -18.35 0.97
C PHE A 471 28.19 -18.97 1.91
N ASP A 472 27.71 -19.57 3.00
CA ASP A 472 28.53 -20.16 4.04
C ASP A 472 29.02 -21.51 3.54
N GLN A 473 30.24 -21.54 3.01
CA GLN A 473 30.75 -22.73 2.35
C GLN A 473 31.70 -23.49 3.26
N PRO A 474 31.33 -24.68 3.75
CA PRO A 474 32.33 -25.58 4.36
C PRO A 474 33.58 -25.69 3.50
N PRO A 475 34.68 -26.18 4.05
CA PRO A 475 35.86 -26.42 3.21
C PRO A 475 35.63 -27.61 2.30
N MET A 476 36.27 -27.56 1.13
CA MET A 476 36.09 -28.61 0.13
C MET A 476 37.39 -29.41 0.03
N PRO A 477 37.53 -30.53 0.72
CA PRO A 477 38.78 -31.28 0.67
C PRO A 477 39.18 -31.65 -0.75
N GLU A 478 40.46 -31.47 -1.05
CA GLU A 478 41.01 -31.78 -2.37
C GLU A 478 40.59 -33.18 -2.83
N GLY A 479 40.03 -33.24 -4.04
CA GLY A 479 39.61 -34.51 -4.60
C GLY A 479 38.21 -34.95 -4.26
N THR A 480 37.41 -34.10 -3.62
CA THR A 480 36.02 -34.43 -3.35
C THR A 480 35.26 -34.58 -4.66
N LYS A 481 34.70 -35.76 -4.89
CA LYS A 481 33.89 -35.98 -6.08
C LYS A 481 32.49 -35.43 -5.89
N CYS A 482 31.94 -34.90 -6.98
CA CYS A 482 30.49 -34.65 -7.08
C CYS A 482 29.72 -35.87 -6.64
N PHE A 483 28.72 -35.65 -5.78
CA PHE A 483 28.01 -36.77 -5.18
C PHE A 483 27.15 -37.54 -6.18
N TYR A 484 27.00 -37.05 -7.40
CA TYR A 484 26.13 -37.70 -8.36
C TYR A 484 26.87 -38.12 -9.62
N THR A 485 27.75 -37.26 -10.14
CA THR A 485 28.43 -37.55 -11.39
C THR A 485 29.86 -38.04 -11.23
N GLY A 486 30.44 -37.90 -10.03
CA GLY A 486 31.82 -38.32 -9.79
C GLY A 486 32.88 -37.36 -10.29
N LYS A 487 32.51 -36.33 -11.04
CA LYS A 487 33.47 -35.33 -11.45
C LYS A 487 33.88 -34.48 -10.25
N PRO A 488 34.98 -33.73 -10.34
CA PRO A 488 35.42 -32.91 -9.20
C PRO A 488 34.31 -31.97 -8.76
N ALA A 489 34.10 -31.92 -7.44
CA ALA A 489 33.03 -31.09 -6.90
C ALA A 489 33.48 -29.64 -6.86
N LYS A 490 32.59 -28.74 -7.27
CA LYS A 490 32.88 -27.32 -7.13
C LYS A 490 32.48 -26.83 -5.74
N ARG A 491 31.20 -26.93 -5.39
CA ARG A 491 30.79 -26.32 -4.13
C ARG A 491 29.81 -27.19 -3.36
N TRP A 492 29.67 -26.88 -2.08
CA TRP A 492 28.62 -27.47 -1.26
C TRP A 492 27.27 -26.90 -1.66
N THR A 493 26.28 -27.77 -1.80
CA THR A 493 25.01 -27.35 -2.36
C THR A 493 23.87 -27.93 -1.53
N LEU A 494 22.82 -27.14 -1.35
CA LEU A 494 21.69 -27.49 -0.53
C LEU A 494 20.56 -27.93 -1.45
N TRP A 495 20.18 -29.21 -1.32
CA TRP A 495 19.10 -29.86 -2.05
C TRP A 495 17.97 -30.29 -1.13
N GLY A 496 16.76 -30.33 -1.68
CA GLY A 496 15.66 -30.95 -0.97
C GLY A 496 14.42 -31.05 -1.85
N ARG A 497 13.38 -31.66 -1.28
CA ARG A 497 12.05 -31.48 -1.83
C ARG A 497 11.59 -30.07 -1.52
N SER A 498 10.80 -29.50 -2.42
CA SER A 498 10.58 -28.05 -2.47
C SER A 498 9.09 -27.72 -2.54
N TYR A 499 8.78 -26.45 -2.27
CA TYR A 499 7.43 -25.94 -2.42
C TYR A 499 7.12 -25.44 -3.84
N VAL B 3 6.92 25.57 -18.97
CA VAL B 3 5.49 25.71 -19.26
C VAL B 3 5.21 27.01 -20.04
N THR B 4 4.71 26.86 -21.27
CA THR B 4 4.36 27.99 -22.12
C THR B 4 2.88 28.35 -22.11
N ALA B 5 2.00 27.36 -21.91
CA ALA B 5 0.58 27.66 -21.84
C ALA B 5 0.26 28.40 -20.55
N LYS B 6 -0.70 29.31 -20.64
CA LYS B 6 -1.12 30.12 -19.51
C LYS B 6 -2.37 29.52 -18.89
N LYS B 7 -2.37 29.42 -17.57
CA LYS B 7 -3.36 28.59 -16.88
C LYS B 7 -4.76 29.14 -17.03
N ASP B 8 -4.90 30.48 -17.07
CA ASP B 8 -6.22 31.07 -17.18
C ASP B 8 -6.73 31.10 -18.62
N GLU B 9 -5.83 30.98 -19.60
CA GLU B 9 -6.15 31.15 -21.01
C GLU B 9 -6.37 29.84 -21.75
N ASN B 10 -5.62 28.81 -21.46
CA ASN B 10 -5.81 27.53 -22.10
C ASN B 10 -5.49 26.51 -21.03
N PHE B 11 -6.49 26.17 -20.24
CA PHE B 11 -6.29 25.44 -18.99
C PHE B 11 -5.96 23.97 -19.23
N SER B 12 -6.70 23.28 -20.12
CA SER B 12 -6.37 21.91 -20.48
C SER B 12 -4.90 21.77 -20.87
N GLU B 13 -4.44 22.64 -21.77
CA GLU B 13 -3.06 22.64 -22.21
C GLU B 13 -2.12 22.91 -21.04
N TRP B 14 -2.43 23.94 -20.24
CA TRP B 14 -1.61 24.26 -19.09
C TRP B 14 -1.45 23.03 -18.18
N TYR B 15 -2.55 22.32 -17.94
CA TYR B 15 -2.54 21.16 -17.05
C TYR B 15 -1.65 20.06 -17.58
N THR B 16 -1.75 19.79 -18.88
CA THR B 16 -0.96 18.71 -19.46
C THR B 16 0.53 19.06 -19.42
N GLN B 17 0.88 20.25 -19.90
CA GLN B 17 2.27 20.72 -19.86
C GLN B 17 2.81 20.66 -18.44
N ALA B 18 2.06 21.20 -17.48
CA ALA B 18 2.60 21.31 -16.12
C ALA B 18 2.84 19.95 -15.51
N ILE B 19 1.96 18.99 -15.78
CA ILE B 19 2.18 17.69 -15.17
C ILE B 19 3.38 16.99 -15.80
N VAL B 20 3.56 17.11 -17.12
CA VAL B 20 4.70 16.41 -17.73
C VAL B 20 6.03 17.08 -17.35
N ARG B 21 6.12 18.41 -17.48
CA ARG B 21 7.37 19.07 -17.15
C ARG B 21 7.74 18.93 -15.67
N SER B 22 6.79 18.55 -14.82
CA SER B 22 7.08 18.35 -13.40
C SER B 22 7.64 16.97 -13.06
N GLU B 23 7.70 16.05 -14.03
CA GLU B 23 8.20 14.68 -13.83
C GLU B 23 7.36 13.88 -12.85
N MET B 24 6.10 14.21 -12.71
CA MET B 24 5.25 13.48 -11.85
C MET B 24 4.77 12.17 -12.40
N ILE B 25 4.51 12.13 -13.67
CA ILE B 25 4.01 10.94 -14.34
C ILE B 25 4.90 10.63 -15.53
N GLU B 26 4.70 9.43 -16.08
CA GLU B 26 5.26 9.05 -17.37
C GLU B 26 4.16 8.36 -18.17
N TYR B 27 4.28 8.44 -19.48
CA TYR B 27 3.34 7.79 -20.38
C TYR B 27 3.64 6.31 -20.48
N TYR B 28 2.75 5.61 -21.18
CA TYR B 28 2.73 4.16 -21.21
C TYR B 28 2.13 3.73 -22.54
N ASP B 29 2.38 2.50 -22.95
CA ASP B 29 1.93 2.07 -24.26
C ASP B 29 0.52 1.49 -24.26
N ILE B 30 -0.16 1.49 -23.11
CA ILE B 30 -1.55 1.09 -23.02
C ILE B 30 -2.35 2.34 -22.68
N SER B 31 -3.29 2.70 -23.54
CA SER B 31 -3.95 3.98 -23.45
C SER B 31 -4.64 4.17 -22.10
N GLY B 32 -4.66 5.41 -21.63
CA GLY B 32 -5.32 5.73 -20.38
C GLY B 32 -4.55 5.36 -19.13
N CYS B 33 -3.34 4.83 -19.25
CA CYS B 33 -2.55 4.44 -18.10
C CYS B 33 -1.38 5.38 -17.92
N TYR B 34 -1.12 5.75 -16.68
CA TYR B 34 -0.03 6.64 -16.37
C TYR B 34 0.78 6.07 -15.21
N ILE B 35 2.09 6.15 -15.37
CA ILE B 35 3.03 5.75 -14.32
C ILE B 35 3.10 6.87 -13.29
N MET B 36 2.93 6.52 -12.02
CA MET B 36 3.13 7.52 -10.97
C MET B 36 4.58 7.48 -10.51
N ARG B 37 5.33 8.49 -10.91
CA ARG B 37 6.71 8.59 -10.47
C ARG B 37 6.77 9.15 -9.06
N PRO B 38 7.91 8.95 -8.37
CA PRO B 38 8.02 9.36 -6.96
C PRO B 38 7.56 10.77 -6.64
N TRP B 39 7.81 11.73 -7.54
CA TRP B 39 7.41 13.10 -7.24
C TRP B 39 5.91 13.19 -6.91
N ALA B 40 5.08 12.38 -7.56
CA ALA B 40 3.65 12.31 -7.26
C ALA B 40 3.32 11.20 -6.26
N PHE B 41 3.99 10.05 -6.39
CA PHE B 41 3.64 8.95 -5.49
C PHE B 41 3.87 9.35 -4.04
N HIS B 42 4.84 10.22 -3.77
CA HIS B 42 5.11 10.59 -2.39
C HIS B 42 3.94 11.37 -1.80
N ILE B 43 3.28 12.19 -2.63
CA ILE B 43 2.08 12.89 -2.15
C ILE B 43 0.99 11.88 -1.80
N TRP B 44 0.82 10.87 -2.66
CA TRP B 44 -0.10 9.80 -2.30
C TRP B 44 0.29 9.17 -0.97
N GLU B 45 1.57 8.88 -0.79
CA GLU B 45 1.99 8.20 0.43
C GLU B 45 1.69 9.04 1.65
N LYS B 46 1.84 10.36 1.54
CA LYS B 46 1.64 11.19 2.72
C LYS B 46 0.17 11.26 3.10
N VAL B 47 -0.71 11.47 2.11
CA VAL B 47 -2.13 11.52 2.48
C VAL B 47 -2.62 10.13 2.88
N GLN B 48 -2.05 9.08 2.30
CA GLN B 48 -2.42 7.72 2.66
C GLN B 48 -2.10 7.47 4.12
N ARG B 49 -0.90 7.84 4.53
CA ARG B 49 -0.47 7.63 5.90
C ARG B 49 -1.35 8.41 6.86
N PHE B 50 -1.67 9.66 6.51
CA PHE B 50 -2.52 10.47 7.38
C PHE B 50 -3.89 9.83 7.56
N PHE B 51 -4.54 9.52 6.44
CA PHE B 51 -5.88 8.96 6.52
C PHE B 51 -5.88 7.62 7.25
N ASP B 52 -4.86 6.80 6.98
CA ASP B 52 -4.80 5.47 7.56
C ASP B 52 -4.61 5.54 9.06
N ASP B 53 -3.74 6.45 9.52
CA ASP B 53 -3.62 6.68 10.95
C ASP B 53 -4.97 7.03 11.57
N GLU B 54 -5.71 7.93 10.91
CA GLU B 54 -6.95 8.44 11.51
C GLU B 54 -8.04 7.38 11.51
N ILE B 55 -8.15 6.58 10.45
CA ILE B 55 -9.21 5.55 10.48
C ILE B 55 -8.82 4.42 11.42
N LYS B 56 -7.51 4.18 11.65
CA LYS B 56 -7.14 3.21 12.67
C LYS B 56 -7.53 3.71 14.05
N LYS B 57 -7.38 5.01 14.31
CA LYS B 57 -7.89 5.55 15.57
C LYS B 57 -9.39 5.31 15.77
N MET B 58 -10.13 5.00 14.70
CA MET B 58 -11.56 4.72 14.76
C MET B 58 -11.88 3.24 14.86
N GLY B 59 -10.87 2.37 14.87
CA GLY B 59 -11.17 0.95 14.84
C GLY B 59 -11.39 0.35 13.47
N VAL B 60 -11.08 1.06 12.39
CA VAL B 60 -11.17 0.46 11.06
C VAL B 60 -9.86 -0.27 10.80
N GLU B 61 -9.95 -1.48 10.23
CA GLU B 61 -8.80 -2.32 9.99
C GLU B 61 -8.67 -2.61 8.50
N ASN B 62 -7.43 -2.77 8.05
CA ASN B 62 -7.19 -2.95 6.63
C ASN B 62 -7.29 -4.42 6.26
N SER B 63 -7.46 -4.68 4.97
CA SER B 63 -7.69 -6.04 4.51
C SER B 63 -7.37 -6.11 3.02
N TYR B 64 -7.40 -7.32 2.46
CA TYR B 64 -7.24 -7.49 1.02
C TYR B 64 -8.19 -8.54 0.48
N PHE B 65 -8.95 -8.15 -0.52
CA PHE B 65 -9.85 -9.01 -1.24
C PHE B 65 -9.33 -9.28 -2.65
N PRO B 66 -9.49 -10.49 -3.17
CA PRO B 66 -8.96 -10.80 -4.50
C PRO B 66 -9.56 -9.90 -5.56
N MET B 67 -8.84 -9.78 -6.68
CA MET B 67 -9.28 -8.89 -7.74
C MET B 67 -10.16 -9.58 -8.78
N PHE B 68 -10.36 -10.89 -8.67
CA PHE B 68 -11.14 -11.66 -9.63
C PHE B 68 -12.48 -12.08 -9.04
N VAL B 69 -13.47 -12.21 -9.93
CA VAL B 69 -14.82 -12.66 -9.59
C VAL B 69 -15.20 -13.79 -10.55
N SER B 70 -15.80 -14.85 -10.03
CA SER B 70 -16.19 -15.96 -10.88
C SER B 70 -17.41 -15.60 -11.71
N ARG B 71 -17.65 -16.40 -12.76
CA ARG B 71 -18.90 -16.26 -13.52
C ARG B 71 -20.09 -16.60 -12.64
N HIS B 72 -20.00 -17.73 -11.93
CA HIS B 72 -21.00 -18.18 -10.95
C HIS B 72 -21.47 -17.06 -10.04
N LYS B 73 -20.52 -16.32 -9.45
CA LYS B 73 -20.85 -15.30 -8.47
C LYS B 73 -21.45 -14.05 -9.10
N LEU B 74 -21.23 -13.82 -10.39
CA LEU B 74 -21.78 -12.62 -11.03
C LEU B 74 -23.25 -12.78 -11.42
N GLU B 75 -23.71 -14.02 -11.59
CA GLU B 75 -25.12 -14.28 -11.90
C GLU B 75 -25.92 -14.59 -10.63
N GLU B 87 -20.40 -6.21 -18.92
CA GLU B 87 -19.47 -5.06 -18.93
C GLU B 87 -18.32 -5.35 -17.99
N VAL B 88 -17.89 -6.61 -17.97
CA VAL B 88 -16.76 -7.04 -17.17
C VAL B 88 -15.58 -7.33 -18.08
N ALA B 89 -14.37 -7.23 -17.51
CA ALA B 89 -13.17 -7.66 -18.19
C ALA B 89 -12.92 -9.15 -17.91
N TRP B 90 -12.89 -9.96 -18.96
CA TRP B 90 -12.76 -11.42 -18.79
C TRP B 90 -11.32 -11.87 -19.01
N VAL B 91 -10.72 -12.42 -17.96
CA VAL B 91 -9.50 -13.21 -18.13
C VAL B 91 -9.91 -14.61 -18.57
N THR B 92 -9.47 -15.03 -19.75
CA THR B 92 -9.88 -16.30 -20.32
C THR B 92 -8.75 -17.28 -20.57
N HIS B 93 -7.50 -16.87 -20.41
CA HIS B 93 -6.38 -17.77 -20.64
C HIS B 93 -5.28 -17.48 -19.63
N TYR B 94 -4.44 -18.49 -19.42
CA TYR B 94 -3.14 -18.34 -18.76
C TYR B 94 -2.11 -18.98 -19.67
N GLY B 95 -1.05 -18.23 -20.01
CA GLY B 95 -0.18 -18.68 -21.08
C GLY B 95 -1.01 -18.89 -22.33
N ASP B 96 -0.70 -19.95 -23.06
CA ASP B 96 -1.51 -20.33 -24.21
C ASP B 96 -2.68 -21.22 -23.82
N SER B 97 -2.83 -21.52 -22.55
CA SER B 97 -3.85 -22.43 -22.06
C SER B 97 -5.12 -21.68 -21.69
N PRO B 98 -6.28 -22.11 -22.17
CA PRO B 98 -7.54 -21.51 -21.69
C PRO B 98 -7.88 -21.98 -20.29
N LEU B 99 -8.51 -21.09 -19.52
CA LEU B 99 -9.00 -21.49 -18.21
C LEU B 99 -10.25 -22.35 -18.36
N PRO B 100 -10.47 -23.30 -17.44
CA PRO B 100 -11.70 -24.11 -17.51
C PRO B 100 -12.97 -23.27 -17.53
N GLU B 101 -13.06 -22.28 -16.65
CA GLU B 101 -14.10 -21.27 -16.74
C GLU B 101 -13.43 -19.91 -16.62
N LYS B 102 -13.86 -18.98 -17.46
CA LYS B 102 -13.33 -17.63 -17.42
C LYS B 102 -13.70 -16.96 -16.10
N ILE B 103 -12.78 -16.14 -15.61
CA ILE B 103 -13.01 -15.29 -14.45
C ILE B 103 -12.97 -13.84 -14.91
N ALA B 104 -13.43 -13.00 -14.04
CA ALA B 104 -13.51 -11.64 -14.34
C ALA B 104 -12.83 -10.77 -13.36
N ILE B 105 -12.46 -9.61 -13.82
CA ILE B 105 -11.90 -8.64 -12.98
C ILE B 105 -13.05 -7.95 -12.33
N ARG B 106 -12.96 -7.68 -11.04
CA ARG B 106 -14.01 -7.06 -10.25
C ARG B 106 -14.57 -5.78 -10.78
N PRO B 107 -15.87 -5.70 -10.86
CA PRO B 107 -16.58 -4.52 -11.25
C PRO B 107 -16.66 -3.69 -10.04
N THR B 108 -17.15 -4.30 -8.98
CA THR B 108 -17.28 -3.71 -7.65
C THR B 108 -16.46 -4.54 -6.67
N SER B 109 -16.13 -3.94 -5.53
CA SER B 109 -15.65 -4.75 -4.40
C SER B 109 -16.81 -5.29 -3.58
N GLU B 110 -17.93 -4.56 -3.60
CA GLU B 110 -19.17 -4.97 -2.96
C GLU B 110 -19.51 -6.42 -3.28
N THR B 111 -19.37 -6.80 -4.55
CA THR B 111 -19.78 -8.13 -4.96
C THR B 111 -18.89 -9.23 -4.38
N ILE B 112 -17.67 -8.89 -3.93
CA ILE B 112 -16.82 -9.86 -3.23
C ILE B 112 -16.97 -9.74 -1.72
N MET B 113 -17.06 -8.53 -1.18
CA MET B 113 -17.03 -8.34 0.26
C MET B 113 -18.36 -8.68 0.93
N TYR B 114 -19.49 -8.37 0.28
CA TYR B 114 -20.73 -8.48 1.05
C TYR B 114 -21.19 -9.91 1.27
N PRO B 115 -20.91 -10.89 0.41
CA PRO B 115 -21.18 -12.28 0.82
C PRO B 115 -20.30 -12.70 1.98
N ALA B 116 -19.06 -12.22 2.02
CA ALA B 116 -18.21 -12.50 3.17
C ALA B 116 -18.78 -11.85 4.42
N TYR B 117 -19.31 -10.63 4.29
CA TYR B 117 -19.96 -9.96 5.41
C TYR B 117 -21.15 -10.77 5.91
N ALA B 118 -21.93 -11.33 4.98
CA ALA B 118 -23.07 -12.13 5.39
C ALA B 118 -22.61 -13.35 6.18
N LYS B 119 -21.46 -13.90 5.82
CA LYS B 119 -20.93 -15.04 6.58
C LYS B 119 -20.39 -14.62 7.95
N TRP B 120 -19.69 -13.49 8.02
CA TRP B 120 -19.01 -13.09 9.24
C TRP B 120 -19.94 -12.55 10.31
N ILE B 121 -21.07 -11.97 9.92
CA ILE B 121 -21.98 -11.31 10.84
C ILE B 121 -23.12 -12.27 11.15
N ARG B 122 -23.24 -12.67 12.42
CA ARG B 122 -24.28 -13.58 12.91
C ARG B 122 -25.04 -13.01 14.11
N SER B 123 -24.35 -12.29 14.97
CA SER B 123 -24.83 -11.82 16.27
C SER B 123 -24.50 -10.34 16.44
N HIS B 124 -25.31 -9.66 17.26
CA HIS B 124 -24.94 -8.29 17.65
C HIS B 124 -23.51 -8.24 18.22
N ARG B 125 -23.01 -9.36 18.75
CA ARG B 125 -21.63 -9.45 19.20
C ARG B 125 -20.65 -9.09 18.08
N ASP B 126 -21.01 -9.34 16.81
CA ASP B 126 -20.12 -9.17 15.67
C ASP B 126 -20.10 -7.76 15.09
N LEU B 127 -20.86 -6.84 15.63
CA LEU B 127 -20.93 -5.53 15.10
C LEU B 127 -20.31 -4.56 16.02
N PRO B 128 -19.84 -3.47 15.53
CA PRO B 128 -19.68 -3.16 14.13
C PRO B 128 -18.48 -3.79 13.44
N LEU B 129 -18.58 -4.01 12.15
CA LEU B 129 -17.55 -4.52 11.34
C LEU B 129 -17.06 -3.36 10.49
N LYS B 130 -15.77 -3.11 10.51
CA LYS B 130 -15.19 -1.91 9.87
C LYS B 130 -13.95 -2.28 9.09
N LEU B 131 -14.03 -2.32 7.76
CA LEU B 131 -12.90 -2.74 6.94
C LEU B 131 -12.50 -1.65 5.93
N ASN B 132 -11.22 -1.59 5.63
CA ASN B 132 -10.73 -0.70 4.61
C ASN B 132 -9.76 -1.45 3.71
N GLN B 133 -9.68 -1.00 2.47
CA GLN B 133 -8.80 -1.58 1.47
C GLN B 133 -8.09 -0.45 0.74
N TRP B 134 -6.77 -0.50 0.68
CA TRP B 134 -5.97 0.33 -0.23
C TRP B 134 -5.69 -0.48 -1.48
N CYS B 135 -6.15 -0.01 -2.63
CA CYS B 135 -5.87 -0.82 -3.81
C CYS B 135 -6.01 0.05 -5.05
N SER B 136 -5.84 -0.60 -6.20
CA SER B 136 -6.05 0.07 -7.47
C SER B 136 -7.38 -0.40 -8.04
N VAL B 137 -7.87 0.37 -9.00
CA VAL B 137 -9.17 0.17 -9.63
C VAL B 137 -8.99 0.42 -11.12
N VAL B 138 -9.61 -0.44 -11.93
CA VAL B 138 -9.62 -0.30 -13.38
C VAL B 138 -11.02 0.09 -13.81
N ARG B 139 -11.12 1.13 -14.64
CA ARG B 139 -12.34 1.49 -15.33
C ARG B 139 -12.03 1.46 -16.83
N TRP B 140 -12.83 0.73 -17.58
CA TRP B 140 -12.52 0.43 -18.96
C TRP B 140 -13.08 1.42 -19.96
N GLU B 141 -14.05 2.24 -19.57
CA GLU B 141 -14.65 3.19 -20.49
C GLU B 141 -14.42 4.60 -19.96
N PHE B 142 -13.24 5.11 -20.26
CA PHE B 142 -12.87 6.51 -20.07
C PHE B 142 -12.89 7.17 -21.44
N LYS B 143 -13.45 8.38 -21.52
CA LYS B 143 -13.65 9.01 -22.82
C LYS B 143 -12.32 9.49 -23.42
N GLN B 144 -11.69 10.47 -22.79
CA GLN B 144 -10.38 10.82 -23.31
C GLN B 144 -9.45 11.10 -22.13
N PRO B 145 -8.34 10.38 -22.04
CA PRO B 145 -7.63 10.29 -20.77
C PRO B 145 -6.79 11.51 -20.43
N THR B 146 -6.64 11.75 -19.14
CA THR B 146 -5.68 12.73 -18.66
C THR B 146 -5.26 12.33 -17.26
N PRO B 147 -4.00 12.55 -16.90
CA PRO B 147 -3.51 12.13 -15.59
C PRO B 147 -4.41 12.56 -14.44
N PHE B 148 -4.62 11.62 -13.51
CA PHE B 148 -5.34 11.83 -12.25
C PHE B 148 -6.84 12.07 -12.40
N LEU B 149 -7.31 12.52 -13.55
CA LEU B 149 -8.73 12.83 -13.67
C LEU B 149 -9.51 11.78 -14.42
N ARG B 150 -9.03 11.33 -15.58
CA ARG B 150 -9.77 10.38 -16.42
C ARG B 150 -8.76 9.31 -16.85
N THR B 151 -8.62 8.29 -16.03
CA THR B 151 -7.57 7.30 -16.20
C THR B 151 -8.16 5.90 -16.19
N ARG B 152 -7.49 5.00 -16.90
CA ARG B 152 -7.93 3.60 -16.95
C ARG B 152 -7.71 2.89 -15.61
N GLU B 153 -6.68 3.28 -14.87
CA GLU B 153 -6.38 2.68 -13.57
C GLU B 153 -6.04 3.80 -12.59
N PHE B 154 -6.59 3.72 -11.38
CA PHE B 154 -6.24 4.69 -10.36
C PHE B 154 -6.14 4.02 -8.99
N LEU B 155 -5.39 4.66 -8.08
CA LEU B 155 -5.36 4.18 -6.70
C LEU B 155 -6.50 4.78 -5.89
N TRP B 156 -6.87 4.14 -4.80
CA TRP B 156 -7.88 4.57 -3.83
C TRP B 156 -7.92 3.80 -2.53
N GLN B 157 -8.72 4.27 -1.63
CA GLN B 157 -9.08 3.53 -0.47
C GLN B 157 -10.56 3.37 -0.50
N GLU B 158 -11.01 2.26 0.00
CA GLU B 158 -12.43 1.98 0.12
C GLU B 158 -12.79 1.36 1.42
N GLY B 159 -13.60 2.04 2.19
CA GLY B 159 -14.01 1.54 3.49
C GLY B 159 -15.47 1.10 3.43
N HIS B 160 -15.74 0.00 4.13
CA HIS B 160 -17.06 -0.63 4.19
C HIS B 160 -17.32 -1.01 5.64
N THR B 161 -18.42 -0.51 6.21
CA THR B 161 -18.77 -0.85 7.59
C THR B 161 -20.23 -1.32 7.69
N ALA B 162 -20.47 -2.09 8.74
CA ALA B 162 -21.79 -2.61 9.10
C ALA B 162 -22.03 -2.30 10.57
N HIS B 163 -23.25 -1.86 10.91
CA HIS B 163 -23.59 -1.47 12.27
C HIS B 163 -24.95 -2.03 12.64
N ALA B 164 -25.22 -2.05 13.95
CA ALA B 164 -26.49 -2.56 14.46
C ALA B 164 -27.63 -1.56 14.31
N THR B 165 -27.32 -0.26 14.15
CA THR B 165 -28.34 0.79 14.05
C THR B 165 -27.95 1.84 13.03
N GLU B 166 -28.96 2.57 12.55
CA GLU B 166 -28.74 3.63 11.58
C GLU B 166 -27.95 4.79 12.17
N GLU B 167 -28.24 5.15 13.43
CA GLU B 167 -27.56 6.28 14.05
C GLU B 167 -26.05 6.09 14.10
N GLU B 168 -25.58 4.89 14.45
CA GLU B 168 -24.14 4.66 14.51
C GLU B 168 -23.49 4.72 13.12
N ALA B 169 -24.15 4.13 12.13
CA ALA B 169 -23.65 4.17 10.76
C ALA B 169 -23.57 5.60 10.24
N TRP B 170 -24.61 6.39 10.49
CA TRP B 170 -24.61 7.78 10.05
C TRP B 170 -23.51 8.58 10.76
N GLU B 171 -23.35 8.35 12.07
CA GLU B 171 -22.25 8.96 12.79
C GLU B 171 -20.90 8.68 12.11
N LEU B 172 -20.67 7.43 11.72
CA LEU B 172 -19.41 7.10 11.05
C LEU B 172 -19.33 7.74 9.67
N VAL B 173 -20.45 7.83 8.95
CA VAL B 173 -20.44 8.50 7.65
C VAL B 173 -19.91 9.92 7.81
N LEU B 174 -20.42 10.64 8.79
CA LEU B 174 -19.98 12.03 8.98
C LEU B 174 -18.55 12.12 9.53
N ASP B 175 -18.13 11.19 10.39
CA ASP B 175 -16.74 11.21 10.85
C ASP B 175 -15.77 11.01 9.70
N ILE B 176 -16.11 10.10 8.78
CA ILE B 176 -15.28 9.87 7.62
C ILE B 176 -15.25 11.10 6.73
N LEU B 177 -16.42 11.68 6.46
CA LEU B 177 -16.46 12.92 5.69
C LEU B 177 -15.53 13.98 6.29
N GLU B 178 -15.53 14.10 7.62
CA GLU B 178 -14.64 15.07 8.25
C GLU B 178 -13.18 14.71 8.02
N LEU B 179 -12.86 13.41 8.09
CA LEU B 179 -11.50 13.02 7.76
C LEU B 179 -11.14 13.43 6.33
N TYR B 180 -12.11 13.35 5.42
CA TYR B 180 -11.88 13.74 4.03
C TYR B 180 -11.64 15.23 3.90
N ARG B 181 -12.45 16.03 4.60
CA ARG B 181 -12.18 17.46 4.64
C ARG B 181 -10.76 17.72 5.09
N ARG B 182 -10.29 17.00 6.11
CA ARG B 182 -8.93 17.25 6.59
C ARG B 182 -7.90 16.81 5.56
N TRP B 183 -8.17 15.70 4.88
CA TRP B 183 -7.30 15.22 3.80
C TRP B 183 -7.08 16.34 2.79
N TYR B 184 -8.18 16.96 2.34
CA TYR B 184 -8.07 17.99 1.33
C TYR B 184 -7.50 19.30 1.87
N GLU B 185 -7.98 19.73 3.04
CA GLU B 185 -7.76 21.08 3.54
C GLU B 185 -6.48 21.19 4.38
N GLU B 186 -6.18 20.18 5.18
CA GLU B 186 -5.00 20.22 6.02
C GLU B 186 -3.75 19.67 5.31
N CYS B 187 -3.86 18.68 4.43
CA CYS B 187 -2.70 18.18 3.68
C CYS B 187 -2.47 18.92 2.37
N LEU B 188 -3.52 19.00 1.54
CA LEU B 188 -3.39 19.54 0.20
C LEU B 188 -3.75 21.01 0.12
N ALA B 189 -4.18 21.62 1.24
CA ALA B 189 -4.55 23.04 1.29
C ALA B 189 -5.62 23.37 0.26
N VAL B 190 -6.52 22.43 -0.03
CA VAL B 190 -7.62 22.66 -0.97
C VAL B 190 -8.91 22.82 -0.19
N PRO B 191 -9.56 23.98 -0.24
CA PRO B 191 -10.84 24.16 0.44
C PRO B 191 -11.94 23.37 -0.23
N VAL B 192 -12.76 22.70 0.58
CA VAL B 192 -13.87 21.90 0.08
C VAL B 192 -15.13 22.23 0.86
N ILE B 193 -16.26 21.87 0.26
CA ILE B 193 -17.59 22.13 0.81
C ILE B 193 -18.28 20.79 1.08
N LYS B 194 -18.70 20.56 2.32
CA LYS B 194 -19.49 19.38 2.67
C LYS B 194 -20.93 19.53 2.20
N GLY B 195 -21.52 18.42 1.77
CA GLY B 195 -22.92 18.43 1.35
C GLY B 195 -23.46 17.03 1.14
N GLU B 196 -24.76 16.95 0.84
CA GLU B 196 -25.36 15.68 0.42
C GLU B 196 -25.81 15.75 -1.04
N LYS B 197 -25.61 14.64 -1.75
CA LYS B 197 -25.97 14.56 -3.16
C LYS B 197 -27.48 14.57 -3.30
N SER B 198 -27.94 15.07 -4.45
CA SER B 198 -29.33 14.95 -4.83
C SER B 198 -29.70 13.48 -5.04
N GLU B 199 -31.00 13.21 -5.10
CA GLU B 199 -31.46 11.84 -5.30
C GLU B 199 -30.93 11.27 -6.61
N GLY B 200 -30.87 12.09 -7.65
CA GLY B 200 -30.37 11.65 -8.94
C GLY B 200 -28.87 11.52 -9.05
N GLU B 201 -28.12 11.87 -8.01
CA GLU B 201 -26.67 11.78 -8.04
C GLU B 201 -26.10 10.96 -6.90
N LYS B 202 -26.95 10.39 -6.04
CA LYS B 202 -26.42 9.58 -4.96
C LYS B 202 -26.08 8.18 -5.46
N PHE B 203 -25.32 7.44 -4.63
CA PHE B 203 -25.09 6.02 -4.84
C PHE B 203 -26.44 5.33 -5.04
N ALA B 204 -26.49 4.43 -6.02
CA ALA B 204 -27.75 3.92 -6.53
C ALA B 204 -28.64 3.35 -5.43
N GLY B 205 -28.22 2.26 -4.81
CA GLY B 205 -29.06 1.61 -3.83
C GLY B 205 -28.80 2.04 -2.41
N GLY B 206 -28.29 3.25 -2.24
CA GLY B 206 -28.02 3.80 -0.93
C GLY B 206 -29.14 4.68 -0.41
N LYS B 207 -29.10 4.93 0.89
CA LYS B 207 -30.05 5.84 1.52
C LYS B 207 -29.66 7.31 1.27
N LYS B 208 -28.43 7.67 1.62
CA LYS B 208 -27.95 9.06 1.53
C LYS B 208 -26.47 9.04 1.19
N THR B 209 -26.08 9.90 0.25
CA THR B 209 -24.66 10.06 -0.13
C THR B 209 -24.17 11.44 0.30
N THR B 210 -23.07 11.48 1.04
CA THR B 210 -22.45 12.76 1.34
C THR B 210 -21.15 12.92 0.57
N THR B 211 -20.71 14.17 0.46
CA THR B 211 -19.67 14.52 -0.48
C THR B 211 -18.91 15.73 0.06
N VAL B 212 -17.63 15.80 -0.31
CA VAL B 212 -16.88 17.06 -0.29
C VAL B 212 -16.70 17.48 -1.73
N GLU B 213 -16.96 18.76 -2.01
CA GLU B 213 -16.84 19.30 -3.35
C GLU B 213 -15.76 20.36 -3.40
N ALA B 214 -15.05 20.43 -4.52
CA ALA B 214 -14.06 21.46 -4.77
C ALA B 214 -14.45 22.20 -6.04
N PHE B 215 -13.77 23.31 -6.30
CA PHE B 215 -14.13 24.20 -7.39
C PHE B 215 -12.88 24.58 -8.17
N ILE B 216 -12.98 24.53 -9.49
CA ILE B 216 -11.90 24.87 -10.42
C ILE B 216 -12.28 26.18 -11.09
N PRO B 217 -11.70 27.30 -10.64
CA PRO B 217 -12.04 28.62 -11.19
C PRO B 217 -11.76 28.79 -12.68
N GLU B 218 -10.72 28.14 -13.21
CA GLU B 218 -10.30 28.45 -14.57
C GLU B 218 -11.34 28.02 -15.58
N ASN B 219 -12.06 26.93 -15.33
CA ASN B 219 -13.19 26.57 -16.17
C ASN B 219 -14.50 26.62 -15.41
N GLY B 220 -14.49 27.07 -14.16
CA GLY B 220 -15.68 27.21 -13.37
C GLY B 220 -16.40 25.91 -13.05
N ARG B 221 -15.68 24.81 -12.91
CA ARG B 221 -16.36 23.53 -12.71
C ARG B 221 -16.22 23.06 -11.27
N GLY B 222 -17.31 22.52 -10.73
CA GLY B 222 -17.21 21.76 -9.51
C GLY B 222 -16.66 20.38 -9.79
N ILE B 223 -16.01 19.80 -8.79
CA ILE B 223 -15.46 18.46 -8.92
C ILE B 223 -15.60 17.77 -7.57
N GLN B 224 -16.09 16.54 -7.61
CA GLN B 224 -16.33 15.77 -6.40
C GLN B 224 -15.02 15.22 -5.88
N ALA B 225 -14.69 15.56 -4.63
CA ALA B 225 -13.40 15.21 -4.06
C ALA B 225 -13.40 13.87 -3.34
N ALA B 226 -14.54 13.46 -2.79
CA ALA B 226 -14.68 12.21 -2.03
C ALA B 226 -16.13 12.03 -1.59
N THR B 227 -16.50 10.77 -1.31
CA THR B 227 -17.87 10.42 -0.99
C THR B 227 -17.89 9.50 0.23
N SER B 228 -18.91 9.67 1.05
CA SER B 228 -19.15 8.81 2.20
C SER B 228 -20.64 8.48 2.19
N HIS B 229 -20.99 7.22 1.91
CA HIS B 229 -22.37 6.81 1.72
C HIS B 229 -22.97 6.17 2.98
N LEU B 230 -24.18 6.59 3.32
CA LEU B 230 -25.04 5.83 4.22
C LEU B 230 -25.84 4.84 3.37
N LEU B 231 -25.36 3.59 3.31
CA LEU B 231 -26.03 2.61 2.47
C LEU B 231 -27.35 2.17 3.07
N GLY B 232 -27.46 2.20 4.40
CA GLY B 232 -28.68 1.73 5.00
C GLY B 232 -28.75 0.20 5.01
N THR B 233 -29.94 -0.30 4.75
CA THR B 233 -30.21 -1.72 4.77
C THR B 233 -30.48 -2.39 3.50
N ASN B 234 -30.47 -1.70 2.41
CA ASN B 234 -30.75 -2.34 1.16
C ASN B 234 -29.77 -3.37 0.68
N PHE B 235 -28.49 -3.15 0.86
CA PHE B 235 -27.50 -4.10 0.47
C PHE B 235 -27.58 -5.27 1.41
N ALA B 236 -27.84 -5.00 2.68
CA ALA B 236 -28.05 -6.09 3.64
C ALA B 236 -29.22 -6.99 3.22
N LYS B 237 -30.27 -6.41 2.64
CA LYS B 237 -31.37 -7.25 2.18
C LYS B 237 -30.96 -8.07 0.97
N MET B 238 -30.28 -7.42 0.01
CA MET B 238 -29.82 -8.15 -1.18
C MET B 238 -28.95 -9.34 -0.79
N PHE B 239 -27.95 -9.09 0.07
CA PHE B 239 -26.94 -10.10 0.40
C PHE B 239 -27.27 -10.90 1.65
N GLU B 240 -28.43 -10.66 2.29
CA GLU B 240 -28.80 -11.35 3.53
C GLU B 240 -27.70 -11.22 4.57
N ILE B 241 -27.30 -9.98 4.83
CA ILE B 241 -26.40 -9.70 5.95
C ILE B 241 -27.29 -9.37 7.13
N GLU B 242 -27.67 -10.42 7.86
CA GLU B 242 -28.54 -10.31 9.02
C GLU B 242 -27.77 -10.67 10.29
N PHE B 243 -28.24 -10.14 11.40
CA PHE B 243 -27.68 -10.48 12.71
C PHE B 243 -28.82 -10.71 13.68
N GLU B 244 -28.58 -11.53 14.68
CA GLU B 244 -29.58 -11.73 15.74
C GLU B 244 -29.30 -10.72 16.85
N ASP B 245 -30.31 -9.94 17.22
CA ASP B 245 -30.09 -8.88 18.19
C ASP B 245 -30.14 -9.46 19.61
N GLU B 246 -30.08 -8.57 20.61
CA GLU B 246 -29.97 -9.05 21.98
C GLU B 246 -31.22 -9.77 22.45
N GLU B 247 -32.35 -9.61 21.74
CA GLU B 247 -33.59 -10.27 22.13
C GLU B 247 -33.96 -11.42 21.21
N GLY B 248 -33.04 -11.88 20.36
CA GLY B 248 -33.26 -13.05 19.55
C GLY B 248 -33.80 -12.81 18.17
N HIS B 249 -34.07 -11.56 17.80
CA HIS B 249 -34.69 -11.26 16.50
C HIS B 249 -33.64 -11.00 15.43
N LYS B 250 -33.91 -11.52 14.24
CA LYS B 250 -33.07 -11.31 13.06
C LYS B 250 -33.32 -9.90 12.51
N ARG B 251 -32.27 -9.08 12.46
CA ARG B 251 -32.32 -7.71 11.96
C ARG B 251 -31.35 -7.56 10.81
N LEU B 252 -31.57 -6.53 10.00
CA LEU B 252 -30.65 -6.18 8.93
C LEU B 252 -29.60 -5.20 9.46
N VAL B 253 -28.35 -5.38 9.00
CA VAL B 253 -27.28 -4.44 9.35
C VAL B 253 -27.49 -3.13 8.60
N HIS B 254 -26.91 -2.07 9.14
CA HIS B 254 -26.90 -0.77 8.50
C HIS B 254 -25.48 -0.49 8.03
N GLN B 255 -25.30 -0.41 6.72
CA GLN B 255 -23.97 -0.31 6.15
C GLN B 255 -23.64 1.09 5.69
N THR B 256 -22.33 1.33 5.62
CA THR B 256 -21.71 2.52 5.04
C THR B 256 -20.61 2.09 4.08
N SER B 257 -20.31 2.97 3.13
CA SER B 257 -19.06 2.84 2.38
C SER B 257 -18.58 4.24 2.04
N TRP B 258 -17.28 4.34 1.81
CA TRP B 258 -16.63 5.62 1.60
C TRP B 258 -15.32 5.40 0.84
N GLY B 259 -14.97 6.36 -0.01
CA GLY B 259 -13.81 6.18 -0.88
C GLY B 259 -13.20 7.50 -1.27
N CYS B 260 -11.90 7.46 -1.54
CA CYS B 260 -11.25 8.66 -2.08
C CYS B 260 -10.00 8.23 -2.85
N THR B 261 -9.70 8.96 -3.92
CA THR B 261 -8.81 8.49 -4.97
C THR B 261 -7.68 9.49 -5.25
N THR B 262 -6.77 9.05 -6.10
CA THR B 262 -5.68 9.88 -6.60
C THR B 262 -6.17 11.07 -7.43
N ARG B 263 -7.47 11.14 -7.76
CA ARG B 263 -7.99 12.40 -8.27
C ARG B 263 -7.68 13.56 -7.34
N SER B 264 -7.50 13.28 -6.04
CA SER B 264 -7.15 14.34 -5.10
C SER B 264 -5.88 15.06 -5.56
N LEU B 265 -4.92 14.32 -6.09
CA LEU B 265 -3.69 14.94 -6.58
C LEU B 265 -3.97 15.90 -7.73
N GLY B 266 -4.83 15.49 -8.68
CA GLY B 266 -5.21 16.40 -9.74
C GLY B 266 -5.80 17.69 -9.21
N VAL B 267 -6.63 17.59 -8.16
CA VAL B 267 -7.33 18.77 -7.66
C VAL B 267 -6.33 19.69 -7.00
N MET B 268 -5.27 19.13 -6.41
CA MET B 268 -4.24 19.95 -5.81
C MET B 268 -3.47 20.70 -6.90
N ILE B 269 -3.09 19.99 -7.97
CA ILE B 269 -2.42 20.64 -9.10
C ILE B 269 -3.23 21.85 -9.52
N MET B 270 -4.49 21.61 -9.89
CA MET B 270 -5.34 22.65 -10.43
C MET B 270 -5.51 23.79 -9.45
N THR B 271 -5.53 23.49 -8.16
CA THR B 271 -5.82 24.57 -7.23
C THR B 271 -4.63 25.51 -7.14
N HIS B 272 -3.42 24.96 -7.03
CA HIS B 272 -2.31 25.76 -6.56
C HIS B 272 -1.35 26.14 -7.66
N GLY B 273 -1.47 25.51 -8.82
CA GLY B 273 -0.54 25.77 -9.89
C GLY B 273 -0.69 27.18 -10.43
N ASP B 274 0.40 27.67 -11.00
CA ASP B 274 0.37 28.98 -11.63
C ASP B 274 1.00 28.91 -13.01
N ASP B 275 1.29 30.06 -13.61
CA ASP B 275 1.79 30.07 -14.98
C ASP B 275 3.17 29.42 -15.08
N LYS B 276 3.98 29.48 -14.02
CA LYS B 276 5.26 28.79 -14.03
C LYS B 276 5.13 27.27 -13.84
N GLY B 277 4.01 26.78 -13.32
CA GLY B 277 3.86 25.35 -13.15
C GLY B 277 3.23 24.93 -11.83
N LEU B 278 3.64 23.78 -11.32
CA LEU B 278 3.08 23.28 -10.07
C LEU B 278 3.56 24.11 -8.88
N VAL B 279 2.72 24.15 -7.86
CA VAL B 279 3.10 24.57 -6.51
C VAL B 279 2.60 23.46 -5.59
N ILE B 280 3.52 22.78 -4.91
CA ILE B 280 3.19 21.68 -4.02
C ILE B 280 3.17 22.21 -2.60
N PRO B 281 2.08 22.04 -1.85
CA PRO B 281 2.07 22.38 -0.41
C PRO B 281 3.19 21.70 0.34
N PRO B 282 3.86 22.42 1.24
CA PRO B 282 4.99 21.84 1.98
C PRO B 282 4.64 20.59 2.76
N ARG B 283 3.39 20.49 3.21
CA ARG B 283 2.97 19.34 4.01
C ARG B 283 3.09 18.01 3.26
N VAL B 284 3.07 18.02 1.93
CA VAL B 284 3.09 16.78 1.16
C VAL B 284 4.17 16.76 0.10
N ALA B 285 5.00 17.80 0.00
CA ALA B 285 6.04 17.84 -1.03
C ALA B 285 7.17 16.86 -0.74
N SER B 286 7.50 16.02 -1.71
CA SER B 286 8.59 15.04 -1.53
C SER B 286 9.91 15.72 -1.18
N VAL B 287 10.20 16.87 -1.79
CA VAL B 287 11.26 17.77 -1.36
C VAL B 287 10.61 19.07 -0.90
N GLN B 288 10.95 19.54 0.29
CA GLN B 288 10.45 20.82 0.76
C GLN B 288 11.42 21.95 0.49
N VAL B 289 12.71 21.64 0.47
CA VAL B 289 13.75 22.63 0.24
C VAL B 289 14.76 22.04 -0.72
N VAL B 290 14.93 22.66 -1.88
CA VAL B 290 15.99 22.28 -2.81
C VAL B 290 17.16 23.24 -2.61
N ILE B 291 18.35 22.69 -2.33
CA ILE B 291 19.56 23.49 -2.19
C ILE B 291 20.25 23.53 -3.55
N ILE B 292 20.51 24.74 -4.04
CA ILE B 292 21.09 24.93 -5.36
C ILE B 292 22.47 25.56 -5.18
N PRO B 293 23.56 24.81 -5.33
CA PRO B 293 24.90 25.43 -5.28
C PRO B 293 25.18 26.19 -6.56
N ILE B 294 25.68 27.42 -6.41
CA ILE B 294 26.05 28.24 -7.56
C ILE B 294 27.42 27.80 -8.05
N LEU B 295 27.43 26.83 -8.93
CA LEU B 295 28.64 26.29 -9.49
C LEU B 295 28.50 26.15 -10.95
N PHE B 296 29.62 25.88 -11.60
CA PHE B 296 29.69 25.66 -13.03
C PHE B 296 30.56 24.43 -13.28
N LYS B 297 30.44 23.78 -14.42
CA LYS B 297 31.20 22.56 -14.63
C LYS B 297 32.71 22.68 -14.52
N ASP B 298 33.31 21.66 -13.91
CA ASP B 298 34.74 21.46 -13.68
C ASP B 298 35.39 22.40 -12.69
N GLU B 299 34.59 23.09 -11.91
CA GLU B 299 35.15 24.05 -11.03
C GLU B 299 35.18 23.61 -9.61
N ASN B 300 34.42 22.58 -9.31
CA ASN B 300 34.24 22.13 -7.96
C ASN B 300 35.41 21.95 -7.06
N THR B 301 35.59 22.85 -6.10
CA THR B 301 36.65 22.67 -5.15
C THR B 301 36.21 22.06 -3.87
N GLY B 302 34.93 21.87 -3.71
CA GLY B 302 34.42 21.31 -2.49
C GLY B 302 33.95 22.30 -1.45
N GLU B 303 34.38 23.57 -1.53
CA GLU B 303 33.95 24.56 -0.55
C GLU B 303 32.44 24.77 -0.57
N ILE B 304 31.86 24.84 -1.77
CA ILE B 304 30.45 25.15 -1.85
C ILE B 304 29.61 23.90 -1.58
N LEU B 305 30.00 22.76 -2.16
CA LEU B 305 29.27 21.54 -1.88
C LEU B 305 29.40 21.10 -0.42
N GLY B 306 30.57 21.35 0.20
CA GLY B 306 30.74 20.98 1.60
C GLY B 306 29.81 21.75 2.52
N LYS B 307 29.70 23.06 2.31
CA LYS B 307 28.73 23.85 3.07
C LYS B 307 27.30 23.41 2.78
N CYS B 308 27.01 23.09 1.51
CA CYS B 308 25.66 22.61 1.15
C CYS B 308 25.31 21.34 1.91
N ARG B 309 26.27 20.42 2.05
CA ARG B 309 26.02 19.21 2.81
C ARG B 309 25.82 19.50 4.29
N GLU B 310 26.68 20.37 4.86
CA GLU B 310 26.46 20.74 6.27
C GLU B 310 25.06 21.31 6.48
N LEU B 311 24.61 22.18 5.57
CA LEU B 311 23.28 22.75 5.68
C LEU B 311 22.19 21.69 5.56
N LYS B 312 22.35 20.78 4.60
CA LYS B 312 21.38 19.70 4.48
C LYS B 312 21.25 18.94 5.79
N THR B 313 22.38 18.57 6.38
CA THR B 313 22.35 17.82 7.64
C THR B 313 21.61 18.61 8.71
N MET B 314 21.86 19.90 8.79
CA MET B 314 21.20 20.71 9.81
C MET B 314 19.69 20.80 9.60
N LEU B 315 19.27 20.97 8.34
CA LEU B 315 17.84 21.09 8.05
C LEU B 315 17.13 19.76 8.23
N GLU B 316 17.81 18.65 7.93
CA GLU B 316 17.20 17.36 8.14
C GLU B 316 17.04 17.06 9.63
N LYS B 317 17.92 17.61 10.47
CA LYS B 317 17.75 17.44 11.92
C LYS B 317 16.41 18.01 12.39
N ALA B 318 15.97 19.11 11.81
CA ALA B 318 14.63 19.62 12.06
C ALA B 318 13.56 18.94 11.19
N ASP B 319 13.86 17.74 10.69
CA ASP B 319 12.95 16.92 9.89
C ASP B 319 12.38 17.69 8.70
N ILE B 320 13.24 18.46 8.04
CA ILE B 320 12.92 19.10 6.75
C ILE B 320 13.42 18.19 5.63
N ARG B 321 12.62 18.05 4.58
CA ARG B 321 12.97 17.15 3.48
C ARG B 321 13.76 17.95 2.46
N VAL B 322 15.05 17.60 2.30
CA VAL B 322 16.04 18.44 1.64
C VAL B 322 16.68 17.69 0.49
N ARG B 323 16.88 18.38 -0.63
CA ARG B 323 17.61 17.84 -1.76
C ARG B 323 18.63 18.85 -2.25
N ILE B 324 19.80 18.36 -2.60
CA ILE B 324 20.89 19.18 -3.16
C ILE B 324 21.00 18.85 -4.64
N ASP B 325 20.85 19.85 -5.51
CA ASP B 325 21.01 19.63 -6.94
C ASP B 325 22.42 20.05 -7.38
N ASP B 326 23.37 19.11 -7.29
CA ASP B 326 24.75 19.41 -7.61
C ASP B 326 25.14 18.98 -9.03
N ARG B 327 24.16 18.80 -9.93
CA ARG B 327 24.48 18.37 -11.28
C ARG B 327 25.33 19.41 -11.99
N SER B 328 26.36 18.95 -12.68
CA SER B 328 27.40 19.83 -13.21
C SER B 328 26.95 20.53 -14.49
N ASN B 329 26.14 19.85 -15.30
CA ASN B 329 25.89 20.24 -16.68
C ASN B 329 24.81 21.31 -16.82
N TYR B 330 24.16 21.71 -15.74
CA TYR B 330 23.08 22.68 -15.81
C TYR B 330 23.50 23.96 -15.09
N THR B 331 23.19 25.09 -15.71
CA THR B 331 23.39 26.39 -15.09
C THR B 331 22.41 26.57 -13.92
N PRO B 332 22.76 27.43 -12.96
CA PRO B 332 21.83 27.69 -11.85
C PRO B 332 20.45 28.15 -12.31
N GLY B 333 20.39 28.98 -13.36
CA GLY B 333 19.09 29.42 -13.85
C GLY B 333 18.24 28.26 -14.34
N TRP B 334 18.86 27.31 -15.04
CA TRP B 334 18.15 26.12 -15.49
C TRP B 334 17.56 25.35 -14.30
N LYS B 335 18.37 25.15 -13.25
CA LYS B 335 17.89 24.45 -12.06
C LYS B 335 16.76 25.21 -11.38
N TYR B 336 16.89 26.54 -11.26
CA TYR B 336 15.80 27.32 -10.66
C TYR B 336 14.52 27.04 -11.40
N ASN B 337 14.57 27.11 -12.74
CA ASN B 337 13.36 26.84 -13.51
C ASN B 337 12.88 25.40 -13.31
N HIS B 338 13.81 24.44 -13.28
CA HIS B 338 13.47 23.04 -13.15
C HIS B 338 12.69 22.78 -11.85
N TRP B 339 13.22 23.26 -10.73
CA TRP B 339 12.58 23.01 -9.45
C TRP B 339 11.33 23.86 -9.26
N GLU B 340 11.26 25.04 -9.88
CA GLU B 340 10.00 25.79 -9.85
C GLU B 340 8.90 25.07 -10.62
N VAL B 341 9.23 24.52 -11.80
CA VAL B 341 8.22 23.77 -12.57
C VAL B 341 7.78 22.53 -11.81
N LYS B 342 8.68 21.91 -11.03
CA LYS B 342 8.22 20.82 -10.17
C LYS B 342 7.45 21.32 -8.96
N GLY B 343 7.61 22.57 -8.59
CA GLY B 343 6.84 23.12 -7.50
C GLY B 343 7.39 22.93 -6.11
N VAL B 344 8.70 22.75 -5.96
CA VAL B 344 9.29 22.73 -4.61
C VAL B 344 8.93 24.01 -3.88
N PRO B 345 8.35 23.95 -2.68
CA PRO B 345 7.97 25.20 -2.00
C PRO B 345 9.13 26.15 -1.73
N LEU B 346 10.36 25.66 -1.50
CA LEU B 346 11.44 26.58 -1.14
C LEU B 346 12.73 26.23 -1.86
N ARG B 347 13.44 27.25 -2.30
CA ARG B 347 14.75 27.08 -2.90
C ARG B 347 15.79 27.83 -2.08
N LEU B 348 16.94 27.20 -1.88
CA LEU B 348 18.03 27.77 -1.08
C LEU B 348 19.23 27.87 -2.00
N GLU B 349 19.54 29.10 -2.44
CA GLU B 349 20.70 29.38 -3.27
C GLU B 349 21.89 29.66 -2.37
N LEU B 350 22.99 28.96 -2.65
CA LEU B 350 24.26 29.13 -1.94
C LEU B 350 25.37 29.31 -2.98
N GLY B 351 25.95 30.50 -3.03
CA GLY B 351 27.05 30.78 -3.92
C GLY B 351 28.21 31.46 -3.20
N PRO B 352 29.23 31.85 -3.96
CA PRO B 352 30.45 32.40 -3.35
C PRO B 352 30.24 33.55 -2.37
N LYS B 353 29.37 34.53 -2.66
CA LYS B 353 29.14 35.60 -1.69
C LYS B 353 28.33 35.13 -0.50
N ASP B 354 27.33 34.27 -0.74
CA ASP B 354 26.61 33.70 0.38
C ASP B 354 27.58 33.06 1.34
N LEU B 355 28.50 32.26 0.79
CA LEU B 355 29.57 31.62 1.57
C LEU B 355 30.45 32.66 2.25
N ALA B 356 30.84 33.68 1.50
CA ALA B 356 31.71 34.71 2.04
C ALA B 356 31.02 35.62 3.04
N LYS B 357 29.72 35.47 3.29
CA LYS B 357 29.04 36.30 4.28
C LYS B 357 28.20 35.50 5.26
N GLY B 358 28.27 34.17 5.21
CA GLY B 358 27.59 33.33 6.19
C GLY B 358 26.08 33.23 6.03
N THR B 359 25.54 33.66 4.89
CA THR B 359 24.10 33.63 4.69
C THR B 359 23.74 32.65 3.58
N ALA B 360 22.44 32.51 3.37
CA ALA B 360 21.87 31.82 2.21
C ALA B 360 20.69 32.63 1.71
N ARG B 361 20.38 32.49 0.41
CA ARG B 361 19.24 33.21 -0.14
C ARG B 361 18.12 32.20 -0.39
N VAL B 362 16.96 32.43 0.22
CA VAL B 362 15.83 31.51 0.13
C VAL B 362 14.71 32.18 -0.65
N VAL B 363 14.12 31.44 -1.61
CA VAL B 363 13.03 31.95 -2.43
C VAL B 363 11.80 31.05 -2.28
N ARG B 364 10.66 31.67 -1.96
CA ARG B 364 9.36 31.03 -1.87
C ARG B 364 8.79 30.78 -3.25
N ARG B 365 8.30 29.55 -3.47
CA ARG B 365 7.74 29.22 -4.78
C ARG B 365 6.41 29.92 -5.05
N ASP B 366 5.61 30.17 -4.02
CA ASP B 366 4.26 30.69 -4.25
C ASP B 366 4.25 32.19 -4.56
N THR B 367 5.12 32.98 -3.95
CA THR B 367 5.11 34.41 -4.22
C THR B 367 6.38 34.93 -4.87
N GLY B 368 7.46 34.16 -4.91
CA GLY B 368 8.72 34.68 -5.42
C GLY B 368 9.47 35.60 -4.49
N GLU B 369 8.98 35.81 -3.27
CA GLU B 369 9.70 36.62 -2.30
C GLU B 369 11.00 35.94 -1.87
N ALA B 370 12.03 36.77 -1.62
CA ALA B 370 13.36 36.30 -1.29
C ALA B 370 13.80 36.77 0.09
N TYR B 371 14.52 35.91 0.80
CA TYR B 371 15.00 36.19 2.15
C TYR B 371 16.50 35.91 2.22
N GLN B 372 17.28 36.87 2.70
CA GLN B 372 18.67 36.60 3.08
C GLN B 372 18.69 36.16 4.54
N ILE B 373 19.10 34.91 4.80
CA ILE B 373 18.98 34.31 6.11
C ILE B 373 20.34 33.81 6.59
N SER B 374 20.72 34.19 7.80
CA SER B 374 21.93 33.67 8.42
C SER B 374 21.82 32.16 8.60
N TRP B 375 22.95 31.47 8.48
CA TRP B 375 22.94 30.00 8.60
C TRP B 375 22.36 29.57 9.94
N ALA B 376 22.69 30.31 11.01
CA ALA B 376 22.17 29.98 12.33
C ALA B 376 20.65 29.95 12.34
N ASP B 377 20.01 30.96 11.76
CA ASP B 377 18.56 31.07 11.71
C ASP B 377 17.91 30.16 10.69
N LEU B 378 18.68 29.34 9.96
CA LEU B 378 18.12 28.73 8.76
C LEU B 378 16.98 27.79 9.09
N ALA B 379 17.20 26.83 10.00
CA ALA B 379 16.18 25.81 10.26
C ALA B 379 14.93 26.38 10.91
N PRO B 380 15.00 27.22 11.95
CA PRO B 380 13.75 27.81 12.46
C PRO B 380 12.99 28.59 11.40
N LYS B 381 13.66 29.53 10.74
CA LYS B 381 12.99 30.40 9.77
C LYS B 381 12.28 29.60 8.69
N LEU B 382 12.95 28.57 8.17
CA LEU B 382 12.33 27.79 7.10
C LEU B 382 11.05 27.12 7.59
N LEU B 383 11.06 26.59 8.83
CA LEU B 383 9.83 26.03 9.39
C LEU B 383 8.72 27.08 9.33
N GLU B 384 9.03 28.27 9.83
CA GLU B 384 8.07 29.37 9.77
C GLU B 384 7.60 29.58 8.33
N LEU B 385 8.56 29.69 7.39
CA LEU B 385 8.20 29.93 6.00
C LEU B 385 7.25 28.85 5.53
N MET B 386 7.59 27.60 5.81
CA MET B 386 6.77 26.52 5.31
C MET B 386 5.35 26.64 5.85
N GLU B 387 5.20 26.86 7.16
CA GLU B 387 3.81 26.91 7.65
C GLU B 387 3.09 28.09 7.00
N GLY B 388 3.78 29.22 6.85
CA GLY B 388 3.19 30.35 6.16
C GLY B 388 2.71 29.99 4.77
N ILE B 389 3.61 29.38 3.97
CA ILE B 389 3.26 28.97 2.60
C ILE B 389 1.99 28.13 2.63
N GLN B 390 1.97 27.12 3.50
CA GLN B 390 0.82 26.23 3.55
C GLN B 390 -0.44 27.01 3.85
N ARG B 391 -0.42 27.82 4.91
CA ARG B 391 -1.59 28.59 5.26
C ARG B 391 -1.98 29.51 4.13
N SER B 392 -0.97 30.13 3.50
CA SER B 392 -1.29 31.10 2.45
C SER B 392 -1.93 30.40 1.27
N LEU B 393 -1.39 29.22 0.89
CA LEU B 393 -1.96 28.47 -0.21
C LEU B 393 -3.43 28.19 0.05
N PHE B 394 -3.75 27.83 1.30
CA PHE B 394 -5.13 27.50 1.60
C PHE B 394 -6.00 28.75 1.50
N GLU B 395 -5.56 29.86 2.11
CA GLU B 395 -6.52 30.96 2.26
C GLU B 395 -6.75 31.66 0.93
N LYS B 396 -5.70 31.76 0.10
CA LYS B 396 -5.92 32.31 -1.24
C LYS B 396 -6.93 31.46 -1.98
N ALA B 397 -6.78 30.14 -1.91
CA ALA B 397 -7.74 29.28 -2.60
C ALA B 397 -9.12 29.42 -1.97
N LYS B 398 -9.17 29.53 -0.65
CA LYS B 398 -10.47 29.69 -0.01
C LYS B 398 -11.16 30.94 -0.50
N ALA B 399 -10.38 32.02 -0.73
CA ALA B 399 -10.99 33.25 -1.22
C ALA B 399 -11.56 33.03 -2.60
N ARG B 400 -10.77 32.39 -3.47
CA ARG B 400 -11.25 32.12 -4.82
C ARG B 400 -12.54 31.32 -4.75
N LEU B 401 -12.62 30.36 -3.83
CA LEU B 401 -13.82 29.55 -3.75
C LEU B 401 -15.04 30.42 -3.47
N HIS B 402 -14.93 31.29 -2.47
CA HIS B 402 -16.08 32.09 -2.12
CA HIS B 402 -16.03 32.16 -2.09
C HIS B 402 -16.40 33.14 -3.20
N GLU B 403 -15.41 33.56 -4.00
CA GLU B 403 -15.74 34.47 -5.10
C GLU B 403 -16.36 33.75 -6.29
N GLY B 404 -16.33 32.42 -6.32
CA GLY B 404 -16.91 31.70 -7.43
C GLY B 404 -18.34 31.27 -7.25
N ILE B 405 -18.98 31.58 -6.12
CA ILE B 405 -20.33 31.12 -5.81
C ILE B 405 -21.27 32.31 -5.74
N GLU B 406 -22.25 32.35 -6.64
CA GLU B 406 -23.25 33.40 -6.68
C GLU B 406 -24.54 32.89 -6.04
N LYS B 407 -25.08 33.65 -5.10
CA LYS B 407 -26.34 33.30 -4.45
C LYS B 407 -27.46 33.91 -5.26
N ILE B 408 -28.30 33.07 -5.88
CA ILE B 408 -29.36 33.56 -6.75
C ILE B 408 -30.72 33.17 -6.20
N SER B 409 -31.77 33.51 -6.95
CA SER B 409 -33.16 33.26 -6.54
C SER B 409 -34.05 32.81 -7.69
N THR B 410 -33.73 33.14 -8.93
CA THR B 410 -34.55 32.84 -10.09
C THR B 410 -33.68 32.24 -11.19
N PHE B 411 -34.31 31.51 -12.10
CA PHE B 411 -33.57 30.92 -13.20
C PHE B 411 -32.92 31.99 -14.08
N ASP B 412 -33.50 33.18 -14.11
CA ASP B 412 -32.97 34.29 -14.91
C ASP B 412 -31.50 34.55 -14.62
N GLU B 413 -31.07 34.35 -13.39
CA GLU B 413 -29.71 34.63 -12.96
C GLU B 413 -28.73 33.49 -13.29
N VAL B 414 -29.22 32.33 -13.73
CA VAL B 414 -28.38 31.15 -13.90
C VAL B 414 -27.40 31.40 -15.04
N MET B 415 -27.92 31.55 -16.26
CA MET B 415 -27.06 31.67 -17.43
C MET B 415 -26.02 32.79 -17.31
N PRO B 416 -26.32 33.97 -16.76
CA PRO B 416 -25.22 34.92 -16.52
C PRO B 416 -24.16 34.34 -15.60
N ALA B 417 -24.55 33.81 -14.45
CA ALA B 417 -23.57 33.27 -13.51
C ALA B 417 -22.75 32.16 -14.15
N LEU B 418 -23.39 31.29 -14.92
CA LEU B 418 -22.64 30.24 -15.61
C LEU B 418 -21.59 30.84 -16.53
N ASN B 419 -21.92 31.95 -17.19
CA ASN B 419 -20.98 32.55 -18.12
C ASN B 419 -19.86 33.31 -17.42
N ARG B 420 -20.06 33.70 -16.17
CA ARG B 420 -18.94 34.20 -15.36
C ARG B 420 -18.09 33.06 -14.80
N LYS B 421 -18.26 31.85 -15.31
CA LYS B 421 -17.60 30.65 -14.80
C LYS B 421 -17.77 30.51 -13.29
N HIS B 422 -19.01 30.59 -12.84
CA HIS B 422 -19.32 30.56 -11.41
C HIS B 422 -20.24 29.37 -11.10
N LEU B 423 -20.34 29.05 -9.81
CA LEU B 423 -21.40 28.20 -9.30
C LEU B 423 -22.53 29.07 -8.77
N VAL B 424 -23.74 28.51 -8.73
CA VAL B 424 -24.89 29.19 -8.14
C VAL B 424 -25.36 28.41 -6.92
N LEU B 425 -25.71 29.14 -5.88
CA LEU B 425 -26.43 28.59 -4.74
C LEU B 425 -27.88 29.07 -4.84
N ALA B 426 -28.81 28.14 -4.97
CA ALA B 426 -30.19 28.48 -5.33
C ALA B 426 -31.18 27.68 -4.49
N PRO B 427 -32.31 28.28 -4.14
CA PRO B 427 -33.32 27.53 -3.37
C PRO B 427 -33.98 26.53 -4.31
N TRP B 428 -34.16 25.30 -3.82
CA TRP B 428 -34.60 24.22 -4.69
C TRP B 428 -35.58 23.34 -3.92
N CYS B 429 -36.55 22.82 -4.66
CA CYS B 429 -37.60 21.92 -4.18
C CYS B 429 -37.16 20.45 -4.15
N GLU B 430 -35.95 20.15 -4.64
CA GLU B 430 -35.35 18.83 -4.58
C GLU B 430 -36.13 17.78 -5.38
N ASP B 431 -36.97 18.20 -6.30
CA ASP B 431 -37.66 17.26 -7.19
C ASP B 431 -36.70 16.74 -8.25
N PRO B 432 -36.49 15.42 -8.36
CA PRO B 432 -35.45 14.93 -9.29
C PRO B 432 -35.71 15.25 -10.76
N GLU B 433 -36.97 15.12 -11.20
CA GLU B 433 -37.24 15.39 -12.61
C GLU B 433 -36.90 16.83 -12.97
N SER B 434 -37.10 17.76 -12.03
CA SER B 434 -36.68 19.13 -12.28
C SER B 434 -35.18 19.23 -12.46
N GLU B 435 -34.41 18.38 -11.76
CA GLU B 435 -32.96 18.40 -11.97
C GLU B 435 -32.63 18.00 -13.40
N GLU B 436 -33.30 16.97 -13.94
CA GLU B 436 -32.96 16.59 -15.31
C GLU B 436 -33.50 17.58 -16.33
N GLN B 437 -34.63 18.22 -16.04
CA GLN B 437 -35.08 19.32 -16.89
C GLN B 437 -34.06 20.44 -16.92
N ILE B 438 -33.52 20.81 -15.76
CA ILE B 438 -32.54 21.89 -15.69
C ILE B 438 -31.29 21.51 -16.46
N LYS B 439 -30.83 20.26 -16.31
CA LYS B 439 -29.67 19.83 -17.08
C LYS B 439 -29.92 20.01 -18.58
N LYS B 440 -31.11 19.61 -19.05
CA LYS B 440 -31.43 19.70 -20.46
C LYS B 440 -31.48 21.16 -20.93
N GLU B 441 -32.13 22.03 -20.16
CA GLU B 441 -32.29 23.42 -20.60
C GLU B 441 -30.97 24.19 -20.53
N THR B 442 -30.19 24.00 -19.49
CA THR B 442 -28.93 24.71 -19.40
C THR B 442 -28.08 24.31 -20.55
N GLN B 443 -28.18 23.05 -20.90
CA GLN B 443 -27.49 22.48 -22.00
C GLN B 443 -27.91 23.02 -23.36
N LYS B 444 -29.21 23.21 -23.55
CA LYS B 444 -29.70 23.73 -24.80
C LYS B 444 -29.31 25.16 -24.92
N LEU B 445 -29.38 25.89 -23.84
CA LEU B 445 -29.02 27.31 -23.89
C LEU B 445 -27.54 27.50 -24.19
N SER B 446 -26.67 26.68 -23.58
CA SER B 446 -25.26 26.77 -23.91
C SER B 446 -25.02 26.46 -25.38
N GLU B 447 -25.68 25.42 -25.90
CA GLU B 447 -25.56 25.08 -27.30
C GLU B 447 -25.92 26.28 -28.19
N ILE B 448 -27.04 26.94 -27.90
CA ILE B 448 -27.45 28.07 -28.75
C ILE B 448 -26.50 29.25 -28.58
N GLN B 449 -25.88 29.38 -27.42
CA GLN B 449 -24.83 30.40 -27.31
C GLN B 449 -23.71 30.07 -28.27
N GLY B 462 -21.43 21.08 -21.16
CA GLY B 462 -21.90 22.41 -20.86
C GLY B 462 -23.17 22.48 -20.03
N ALA B 463 -23.65 21.34 -19.56
CA ALA B 463 -24.86 21.34 -18.73
C ALA B 463 -24.54 21.65 -17.26
N MET B 464 -25.56 22.12 -16.55
CA MET B 464 -25.45 22.47 -15.15
C MET B 464 -26.25 21.47 -14.32
N LYS B 465 -25.58 20.83 -13.37
CA LYS B 465 -26.19 19.84 -12.47
C LYS B 465 -25.99 20.28 -11.03
N THR B 466 -26.62 19.55 -10.11
CA THR B 466 -26.32 19.79 -8.72
C THR B 466 -24.94 19.24 -8.40
N LEU B 467 -24.22 19.97 -7.56
CA LEU B 467 -23.01 19.42 -6.97
C LEU B 467 -23.31 18.81 -5.61
N CYS B 468 -24.02 19.55 -4.75
CA CYS B 468 -24.44 19.03 -3.47
C CYS B 468 -25.39 20.02 -2.83
N ILE B 469 -26.14 19.53 -1.85
CA ILE B 469 -26.88 20.38 -0.93
C ILE B 469 -25.97 20.61 0.29
N PRO B 470 -25.44 21.81 0.48
CA PRO B 470 -24.39 22.00 1.49
C PRO B 470 -24.95 21.83 2.91
N PHE B 471 -24.12 21.21 3.76
CA PHE B 471 -24.49 21.06 5.17
C PHE B 471 -24.77 22.42 5.80
N ASP B 472 -23.99 23.43 5.40
CA ASP B 472 -24.12 24.80 5.88
C ASP B 472 -25.21 25.51 5.09
N GLN B 473 -26.44 25.51 5.63
CA GLN B 473 -27.58 26.09 4.95
C GLN B 473 -27.77 27.53 5.34
N PRO B 474 -27.77 28.47 4.40
CA PRO B 474 -28.30 29.81 4.69
C PRO B 474 -29.70 29.73 5.26
N PRO B 475 -30.14 30.75 5.99
CA PRO B 475 -31.55 30.81 6.39
C PRO B 475 -32.46 30.77 5.16
N MET B 476 -33.62 30.13 5.33
CA MET B 476 -34.56 29.96 4.24
C MET B 476 -35.84 30.73 4.53
N PRO B 477 -35.97 31.97 4.05
CA PRO B 477 -37.17 32.76 4.37
C PRO B 477 -38.45 31.99 4.09
N GLU B 478 -39.40 32.11 5.03
CA GLU B 478 -40.68 31.44 4.90
C GLU B 478 -41.29 31.67 3.53
N GLY B 479 -41.58 30.58 2.83
CA GLY B 479 -42.28 30.68 1.56
C GLY B 479 -41.43 30.98 0.36
N THR B 480 -40.11 30.89 0.47
CA THR B 480 -39.28 31.04 -0.72
C THR B 480 -39.62 29.95 -1.73
N LYS B 481 -39.60 30.31 -3.01
CA LYS B 481 -39.93 29.36 -4.05
C LYS B 481 -38.68 28.91 -4.80
N CYS B 482 -38.74 27.67 -5.27
CA CYS B 482 -37.65 27.06 -6.01
C CYS B 482 -37.32 27.87 -7.25
N PHE B 483 -36.02 28.07 -7.49
CA PHE B 483 -35.56 28.98 -8.54
C PHE B 483 -35.96 28.54 -9.94
N TYR B 484 -36.52 27.38 -10.07
CA TYR B 484 -36.86 26.91 -11.37
C TYR B 484 -38.28 26.51 -11.52
N THR B 485 -38.81 25.72 -10.62
CA THR B 485 -40.18 25.23 -10.78
C THR B 485 -41.27 26.13 -10.30
N GLY B 486 -40.97 26.93 -9.31
CA GLY B 486 -41.96 27.82 -8.78
C GLY B 486 -42.52 27.32 -7.49
N LYS B 487 -42.32 26.07 -7.19
CA LYS B 487 -42.80 25.42 -6.00
C LYS B 487 -42.05 25.76 -4.77
N PRO B 488 -42.60 25.44 -3.64
CA PRO B 488 -41.95 25.72 -2.38
C PRO B 488 -40.58 25.12 -2.31
N ALA B 489 -39.62 25.91 -1.94
CA ALA B 489 -38.23 25.52 -1.85
C ALA B 489 -38.00 24.76 -0.55
N LYS B 490 -37.20 23.70 -0.62
CA LYS B 490 -36.79 22.96 0.55
C LYS B 490 -35.45 23.46 1.06
N ARG B 491 -34.42 23.46 0.21
CA ARG B 491 -33.09 23.74 0.70
C ARG B 491 -32.28 24.47 -0.35
N TRP B 492 -31.25 25.18 0.12
CA TRP B 492 -30.27 25.80 -0.75
C TRP B 492 -29.37 24.72 -1.35
N THR B 493 -29.27 24.70 -2.68
CA THR B 493 -28.50 23.71 -3.41
C THR B 493 -27.48 24.37 -4.33
N LEU B 494 -26.31 23.75 -4.39
CA LEU B 494 -25.18 24.27 -5.14
C LEU B 494 -25.17 23.62 -6.52
N TRP B 495 -25.26 24.44 -7.55
CA TRP B 495 -25.25 23.98 -8.93
C TRP B 495 -24.03 24.53 -9.66
N GLY B 496 -23.58 23.78 -10.65
CA GLY B 496 -22.56 24.26 -11.57
C GLY B 496 -22.34 23.28 -12.70
N ARG B 497 -21.57 23.73 -13.68
CA ARG B 497 -20.93 22.76 -14.55
C ARG B 497 -19.88 22.01 -13.75
N SER B 498 -19.55 20.79 -14.19
CA SER B 498 -18.75 19.91 -13.34
C SER B 498 -17.95 18.92 -14.17
N TYR B 499 -17.09 18.18 -13.47
CA TYR B 499 -16.24 17.19 -14.11
C TYR B 499 -16.94 15.83 -14.21
#